data_7H7C
#
_entry.id   7H7C
#
_cell.length_a   87.135
_cell.length_b   87.135
_cell.length_c   85.563
_cell.angle_alpha   90.00
_cell.angle_beta   90.00
_cell.angle_gamma   120.00
#
_symmetry.space_group_name_H-M   'P 31'
#
loop_
_entity.id
_entity.type
_entity.pdbx_description
1 polymer 'Non-structural protein 3'
2 non-polymer 'DIMETHYL SULFOXIDE'
3 non-polymer 2-AMINO-2-HYDROXYMETHYL-PROPANE-1,3-DIOL
4 non-polymer 'CHLORIDE ION'
5 non-polymer 2-methoxy-N-phenylacetamide
6 water water
#
_entity_poly.entity_id   1
_entity_poly.type   'polypeptide(L)'
_entity_poly.pdbx_seq_one_letter_code
;GAMAPSYRVKRMDIAKNDEECVVNAANPRGLPGDGVCKAVYKKWPESFKNSATPVGTAKTVMCGTYPVIHAVGPNFSNYT
ESEGDRELAAAYREVAKEVTRLGVNSVAIPLLSTGVYSGGKDRLTQSLNHLFTAMDSTDADVVIYCRDKEWEKKISEAIQ
MRT
;
_entity_poly.pdbx_strand_id   A,B,C,D
#
loop_
_chem_comp.id
_chem_comp.type
_chem_comp.name
_chem_comp.formula
CL non-polymer 'CHLORIDE ION' 'Cl -1'
DMS non-polymer 'DIMETHYL SULFOXIDE' 'C2 H6 O S'
TRS non-polymer 2-AMINO-2-HYDROXYMETHYL-PROPANE-1,3-DIOL 'C4 H12 N O3 1'
WJD non-polymer 2-methoxy-N-phenylacetamide 'C9 H11 N O2'
#
# COMPACT_ATOMS: atom_id res chain seq x y z
N GLY A 1 23.13 -0.13 -7.49
CA GLY A 1 23.37 1.22 -8.12
C GLY A 1 22.63 1.40 -9.42
N ALA A 2 22.44 2.64 -9.88
CA ALA A 2 21.88 2.88 -11.22
C ALA A 2 22.86 2.49 -12.32
N MET A 3 22.42 2.09 -13.52
CA MET A 3 23.35 1.68 -14.62
C MET A 3 24.25 2.85 -15.09
N ALA A 4 23.70 4.03 -15.14
CA ALA A 4 24.41 5.27 -15.57
C ALA A 4 23.89 6.41 -14.69
N PRO A 5 24.36 6.49 -13.41
CA PRO A 5 23.78 7.42 -12.45
C PRO A 5 23.60 8.83 -13.04
N SER A 6 22.43 9.43 -12.88
CA SER A 6 22.04 10.70 -13.53
C SER A 6 21.44 11.65 -12.49
N TYR A 7 21.41 12.94 -12.83
CA TYR A 7 20.56 13.96 -12.20
C TYR A 7 19.47 14.38 -13.18
N ARG A 8 18.26 14.58 -12.69
CA ARG A 8 17.11 15.10 -13.44
C ARG A 8 16.35 16.03 -12.54
N VAL A 9 15.54 16.90 -13.14
CA VAL A 9 14.68 17.84 -12.39
C VAL A 9 13.26 17.72 -12.95
N LYS A 10 12.27 17.68 -12.05
CA LYS A 10 10.85 17.74 -12.42
C LYS A 10 10.12 18.79 -11.60
N ARG A 11 9.16 19.47 -12.22
CA ARG A 11 8.30 20.47 -11.56
C ARG A 11 6.95 19.83 -11.29
N MET A 12 6.78 19.35 -10.06
CA MET A 12 5.55 18.65 -9.63
C MET A 12 5.69 18.35 -8.14
N ASP A 13 4.61 17.83 -7.57
CA ASP A 13 4.56 17.43 -6.14
C ASP A 13 5.40 16.18 -5.92
N ILE A 14 6.40 16.28 -5.03
CA ILE A 14 7.32 15.16 -4.68
C ILE A 14 6.53 13.97 -4.11
N ALA A 15 5.30 14.18 -3.57
CA ALA A 15 4.43 13.07 -3.11
C ALA A 15 4.00 12.15 -4.26
N LYS A 16 4.16 12.54 -5.54
CA LYS A 16 3.83 11.76 -6.74
C LYS A 16 5.12 11.25 -7.39
N ASN A 17 6.25 11.20 -6.67
CA ASN A 17 7.54 10.79 -7.27
C ASN A 17 7.49 9.33 -7.77
N ASP A 18 8.38 9.02 -8.72
CA ASP A 18 8.60 7.71 -9.33
C ASP A 18 9.96 7.10 -8.94
N GLU A 19 10.43 7.41 -7.73
CA GLU A 19 11.74 6.93 -7.24
C GLU A 19 11.56 5.93 -6.09
N GLU A 20 12.66 5.32 -5.66
CA GLU A 20 12.64 4.20 -4.69
C GLU A 20 12.59 4.72 -3.24
N CYS A 21 12.83 6.00 -3.04
CA CYS A 21 12.69 6.63 -1.72
C CYS A 21 12.55 8.14 -1.88
N VAL A 22 12.15 8.79 -0.81
CA VAL A 22 11.91 10.25 -0.83
C VAL A 22 12.66 10.91 0.29
N VAL A 23 13.12 12.13 0.06
CA VAL A 23 13.70 13.01 1.10
C VAL A 23 12.63 14.04 1.45
N ASN A 24 12.27 14.10 2.73
CA ASN A 24 11.37 15.13 3.25
C ASN A 24 12.21 16.33 3.71
N ALA A 25 11.76 17.52 3.36
CA ALA A 25 12.31 18.78 3.92
C ALA A 25 11.65 18.99 5.28
N ALA A 26 12.13 18.29 6.28
CA ALA A 26 11.47 18.13 7.59
C ALA A 26 11.79 19.30 8.54
N ASN A 27 10.96 19.39 9.58
CA ASN A 27 11.30 20.23 10.75
C ASN A 27 11.96 19.35 11.79
N PRO A 28 12.70 19.94 12.75
CA PRO A 28 13.40 19.13 13.75
C PRO A 28 12.49 18.33 14.71
N ARG A 29 11.21 18.68 14.76
CA ARG A 29 10.30 18.09 15.77
C ARG A 29 9.43 16.98 15.20
N GLY A 30 9.59 16.63 13.94
CA GLY A 30 8.75 15.57 13.35
C GLY A 30 7.31 15.99 13.22
N LEU A 31 7.00 17.29 13.10
CA LEU A 31 5.61 17.78 12.95
C LEU A 31 5.18 17.81 11.50
N PRO A 32 3.86 17.74 11.20
CA PRO A 32 3.40 17.82 9.81
C PRO A 32 3.90 19.03 9.04
N GLY A 33 4.01 20.20 9.67
CA GLY A 33 4.67 21.31 8.94
C GLY A 33 3.84 21.88 7.80
N ASP A 34 4.54 22.48 6.82
CA ASP A 34 4.00 23.23 5.66
C ASP A 34 4.71 22.77 4.37
N GLY A 35 4.16 23.11 3.20
CA GLY A 35 4.85 22.90 1.91
C GLY A 35 5.18 21.43 1.66
N VAL A 36 6.41 21.11 1.20
CA VAL A 36 6.86 19.70 0.95
C VAL A 36 6.52 18.85 2.18
N CYS A 37 6.82 19.31 3.39
CA CYS A 37 6.64 18.50 4.60
C CYS A 37 5.16 18.11 4.77
N LYS A 38 4.23 19.03 4.48
CA LYS A 38 2.79 18.70 4.62
C LYS A 38 2.35 17.69 3.54
N ALA A 39 2.89 17.79 2.34
CA ALA A 39 2.55 16.84 1.24
C ALA A 39 3.03 15.45 1.68
N VAL A 40 4.22 15.41 2.25
CA VAL A 40 4.87 14.15 2.67
C VAL A 40 4.03 13.58 3.82
N TYR A 41 3.57 14.41 4.76
CA TYR A 41 2.73 13.93 5.89
C TYR A 41 1.43 13.34 5.36
N LYS A 42 0.79 13.95 4.36
CA LYS A 42 -0.47 13.39 3.81
C LYS A 42 -0.23 12.06 3.12
N LYS A 43 0.89 11.90 2.40
CA LYS A 43 1.15 10.68 1.60
C LYS A 43 1.70 9.53 2.45
N TRP A 44 2.57 9.82 3.41
CA TRP A 44 3.31 8.81 4.20
C TRP A 44 3.21 9.15 5.69
N PRO A 45 2.01 9.31 6.27
CA PRO A 45 1.93 9.75 7.68
C PRO A 45 2.60 8.79 8.65
N GLU A 46 2.65 7.51 8.31
CA GLU A 46 3.26 6.49 9.18
C GLU A 46 4.75 6.79 9.36
N SER A 47 5.37 7.51 8.41
CA SER A 47 6.82 7.76 8.47
C SER A 47 7.15 8.82 9.51
N PHE A 48 6.16 9.42 10.15
CA PHE A 48 6.43 10.50 11.13
C PHE A 48 6.48 9.93 12.55
N LYS A 49 6.40 8.63 12.71
CA LYS A 49 6.66 7.99 14.03
C LYS A 49 8.12 8.15 14.44
N ASN A 50 8.39 8.90 15.51
CA ASN A 50 9.77 9.12 16.01
C ASN A 50 10.70 9.61 14.88
N SER A 51 10.23 10.61 14.14
CA SER A 51 11.03 11.22 13.04
C SER A 51 11.78 12.48 13.50
N ALA A 52 11.52 13.01 14.69
CA ALA A 52 12.30 14.16 15.20
C ALA A 52 13.79 13.89 15.16
N THR A 53 14.57 14.89 14.73
CA THR A 53 16.02 14.81 14.60
C THR A 53 16.55 16.23 14.53
N PRO A 54 17.78 16.47 14.95
CA PRO A 54 18.34 17.82 14.97
C PRO A 54 18.63 18.43 13.60
N VAL A 55 18.81 19.72 13.61
CA VAL A 55 19.26 20.44 12.40
C VAL A 55 20.57 19.84 11.92
N GLY A 56 20.71 19.73 10.59
CA GLY A 56 21.94 19.23 9.97
C GLY A 56 22.02 17.70 9.94
N THR A 57 20.96 17.00 10.29
CA THR A 57 20.86 15.53 10.31
C THR A 57 19.74 15.02 9.42
N ALA A 58 19.77 13.71 9.17
CA ALA A 58 18.70 13.01 8.47
C ALA A 58 18.38 11.74 9.23
N LYS A 59 17.11 11.42 9.30
CA LYS A 59 16.59 10.24 10.00
C LYS A 59 15.60 9.57 9.07
N THR A 60 15.83 8.27 8.78
CA THR A 60 14.93 7.50 7.89
C THR A 60 13.89 6.75 8.74
N VAL A 61 12.66 6.83 8.30
CA VAL A 61 11.54 6.03 8.85
C VAL A 61 10.80 5.41 7.69
N MET A 62 10.54 4.10 7.76
N MET A 62 10.54 4.11 7.79
CA MET A 62 9.86 3.32 6.70
CA MET A 62 9.80 3.34 6.76
C MET A 62 8.35 3.50 6.78
C MET A 62 8.31 3.69 6.81
N CYS A 63 7.70 3.71 5.64
CA CYS A 63 6.23 3.68 5.47
C CYS A 63 5.96 2.40 4.68
N GLY A 64 5.59 1.32 5.36
CA GLY A 64 5.62 0.00 4.71
C GLY A 64 7.04 -0.37 4.42
N THR A 65 7.43 -0.58 3.16
CA THR A 65 8.81 -0.83 2.77
C THR A 65 9.38 0.43 2.06
N TYR A 66 8.63 1.53 2.02
CA TYR A 66 9.06 2.74 1.24
C TYR A 66 9.80 3.70 2.20
N PRO A 67 11.11 3.97 1.97
CA PRO A 67 11.87 4.79 2.94
C PRO A 67 11.62 6.30 2.76
N VAL A 68 11.32 6.96 3.88
CA VAL A 68 11.19 8.44 3.94
C VAL A 68 12.37 8.98 4.74
N ILE A 69 13.26 9.74 4.12
CA ILE A 69 14.49 10.25 4.75
C ILE A 69 14.13 11.67 5.19
N HIS A 70 13.96 11.88 6.49
CA HIS A 70 13.61 13.21 7.03
C HIS A 70 14.89 14.03 7.21
N ALA A 71 15.14 15.00 6.34
CA ALA A 71 16.37 15.81 6.34
C ALA A 71 16.04 17.21 6.85
N VAL A 72 16.75 17.65 7.88
CA VAL A 72 16.42 18.93 8.57
C VAL A 72 17.44 20.00 8.21
N GLY A 73 17.08 20.84 7.25
CA GLY A 73 17.90 22.01 6.93
C GLY A 73 17.69 23.10 7.96
N PRO A 74 18.64 24.03 8.06
CA PRO A 74 18.54 25.19 8.96
C PRO A 74 17.51 26.20 8.48
N ASN A 75 16.86 26.84 9.45
CA ASN A 75 16.03 28.03 9.17
C ASN A 75 16.92 29.28 9.23
N PHE A 76 17.18 29.91 8.10
CA PHE A 76 18.08 31.07 7.97
C PHE A 76 17.50 32.29 8.68
N SER A 77 16.27 32.26 9.13
CA SER A 77 15.74 33.31 10.04
C SER A 77 16.53 33.27 11.37
N ASN A 78 17.03 32.11 11.80
CA ASN A 78 17.63 31.91 13.14
C ASN A 78 19.13 31.75 13.11
N TYR A 79 19.66 31.10 12.09
CA TYR A 79 21.09 30.85 11.91
C TYR A 79 21.72 32.08 11.26
N THR A 80 22.98 32.36 11.60
CA THR A 80 23.85 33.23 10.80
C THR A 80 24.06 32.63 9.40
N GLU A 81 24.36 33.46 8.40
CA GLU A 81 24.69 32.94 7.04
C GLU A 81 25.78 31.86 7.16
N SER A 82 26.81 32.10 7.95
CA SER A 82 27.96 31.19 8.08
C SER A 82 27.50 29.85 8.68
N GLU A 83 26.81 29.87 9.82
CA GLU A 83 26.45 28.64 10.54
C GLU A 83 25.34 27.91 9.76
N GLY A 84 24.43 28.65 9.18
CA GLY A 84 23.37 28.08 8.32
C GLY A 84 23.98 27.35 7.14
N ASP A 85 24.95 27.96 6.49
CA ASP A 85 25.62 27.33 5.31
C ASP A 85 26.22 25.98 5.76
N ARG A 86 26.90 25.91 6.93
CA ARG A 86 27.52 24.68 7.45
C ARG A 86 26.43 23.62 7.70
N GLU A 87 25.30 24.02 8.27
CA GLU A 87 24.25 23.04 8.67
C GLU A 87 23.57 22.56 7.40
N LEU A 88 23.42 23.38 6.39
CA LEU A 88 22.74 22.99 5.13
C LEU A 88 23.63 21.96 4.39
N ALA A 89 24.92 22.21 4.30
CA ALA A 89 25.89 21.22 3.76
C ALA A 89 25.77 19.90 4.52
N ALA A 90 25.80 19.95 5.86
CA ALA A 90 25.78 18.76 6.70
C ALA A 90 24.49 17.95 6.46
N ALA A 91 23.32 18.59 6.39
CA ALA A 91 22.05 17.87 6.17
C ALA A 91 22.20 17.03 4.88
N TYR A 92 22.70 17.63 3.79
CA TYR A 92 22.80 16.85 2.53
C TYR A 92 23.83 15.72 2.65
N ARG A 93 24.94 15.93 3.37
CA ARG A 93 25.91 14.81 3.61
C ARG A 93 25.21 13.65 4.32
N GLU A 94 24.32 13.90 5.29
CA GLU A 94 23.60 12.82 6.00
C GLU A 94 22.57 12.17 5.07
N VAL A 95 21.98 12.90 4.15
CA VAL A 95 21.08 12.29 3.13
C VAL A 95 21.90 11.30 2.29
N ALA A 96 23.09 11.68 1.85
CA ALA A 96 23.91 10.74 1.02
C ALA A 96 24.24 9.46 1.77
N LYS A 97 24.55 9.55 3.06
CA LYS A 97 24.82 8.36 3.91
C LYS A 97 23.57 7.48 3.93
N GLU A 98 22.39 8.04 4.18
CA GLU A 98 21.14 7.24 4.26
C GLU A 98 20.82 6.58 2.93
N VAL A 99 20.91 7.31 1.83
CA VAL A 99 20.62 6.79 0.47
C VAL A 99 21.56 5.59 0.24
N THR A 100 22.83 5.74 0.62
CA THR A 100 23.83 4.63 0.42
C THR A 100 23.45 3.43 1.27
N ARG A 101 23.16 3.65 2.56
CA ARG A 101 22.82 2.57 3.53
C ARG A 101 21.59 1.78 3.03
N LEU A 102 20.60 2.44 2.44
CA LEU A 102 19.33 1.83 2.07
C LEU A 102 19.51 0.94 0.81
N GLY A 103 20.54 1.20 0.01
CA GLY A 103 20.78 0.40 -1.22
C GLY A 103 19.81 0.72 -2.32
N VAL A 104 19.13 1.86 -2.28
CA VAL A 104 18.18 2.28 -3.35
C VAL A 104 18.93 2.62 -4.63
N ASN A 105 18.27 2.46 -5.74
CA ASN A 105 18.82 2.85 -7.05
C ASN A 105 18.35 4.23 -7.47
N SER A 106 17.43 4.86 -6.74
CA SER A 106 16.92 6.22 -7.10
C SER A 106 16.36 6.90 -5.86
N VAL A 107 16.34 8.23 -5.86
CA VAL A 107 15.87 9.06 -4.72
C VAL A 107 15.26 10.33 -5.28
N ALA A 108 14.12 10.73 -4.71
CA ALA A 108 13.46 12.02 -4.97
C ALA A 108 13.89 13.00 -3.88
N ILE A 109 14.35 14.19 -4.26
N ILE A 109 14.43 14.16 -4.27
CA ILE A 109 14.91 15.15 -3.27
CA ILE A 109 15.00 15.18 -3.32
C ILE A 109 14.49 16.58 -3.60
C ILE A 109 14.41 16.56 -3.62
N PRO A 110 14.01 17.33 -2.58
CA PRO A 110 13.72 18.74 -2.72
C PRO A 110 14.93 19.58 -2.37
N LEU A 111 14.93 20.89 -2.70
CA LEU A 111 16.06 21.77 -2.34
C LEU A 111 15.83 22.31 -0.91
N LEU A 112 16.59 21.76 0.01
CA LEU A 112 16.49 22.10 1.46
C LEU A 112 16.72 23.60 1.66
N SER A 113 15.99 24.16 2.63
CA SER A 113 16.15 25.56 3.12
C SER A 113 15.86 26.58 2.00
N THR A 114 15.04 26.28 1.00
CA THR A 114 14.73 27.24 -0.10
C THR A 114 13.35 27.88 0.00
N GLY A 115 12.48 27.39 0.89
CA GLY A 115 11.09 27.85 1.09
C GLY A 115 11.00 28.67 2.37
N VAL A 116 10.18 28.23 3.31
CA VAL A 116 9.94 29.03 4.55
C VAL A 116 11.19 29.05 5.44
N TYR A 117 12.21 28.23 5.21
CA TYR A 117 13.48 28.29 5.97
C TYR A 117 14.55 29.15 5.26
N SER A 118 14.20 29.85 4.16
CA SER A 118 15.21 30.60 3.35
C SER A 118 15.59 31.96 3.99
N GLY A 119 14.92 32.40 5.04
CA GLY A 119 15.16 33.75 5.58
C GLY A 119 14.92 34.85 4.53
N GLY A 120 14.02 34.58 3.57
CA GLY A 120 13.56 35.54 2.56
C GLY A 120 14.56 35.77 1.44
N LYS A 121 15.54 34.88 1.30
CA LYS A 121 16.61 34.95 0.26
C LYS A 121 16.35 33.87 -0.79
N ASP A 122 16.88 34.10 -2.00
CA ASP A 122 16.96 33.09 -3.08
C ASP A 122 18.20 32.24 -2.80
N ARG A 123 17.99 30.96 -2.44
CA ARG A 123 19.11 30.03 -2.14
C ARG A 123 19.11 28.84 -3.12
N LEU A 124 18.60 29.02 -4.33
CA LEU A 124 18.63 27.92 -5.34
C LEU A 124 20.06 27.42 -5.48
N THR A 125 20.99 28.28 -5.88
CA THR A 125 22.37 27.88 -6.20
C THR A 125 23.06 27.30 -4.94
N GLN A 126 22.91 27.96 -3.81
CA GLN A 126 23.57 27.54 -2.52
C GLN A 126 23.11 26.10 -2.20
N SER A 127 21.81 25.90 -2.23
CA SER A 127 21.22 24.60 -1.82
C SER A 127 21.56 23.51 -2.84
N LEU A 128 21.40 23.82 -4.12
CA LEU A 128 21.72 22.84 -5.19
C LEU A 128 23.19 22.44 -5.16
N ASN A 129 24.12 23.38 -4.95
CA ASN A 129 25.56 23.08 -4.92
C ASN A 129 25.88 22.19 -3.73
N HIS A 130 25.25 22.38 -2.57
CA HIS A 130 25.46 21.46 -1.44
C HIS A 130 24.85 20.06 -1.73
N LEU A 131 23.75 20.02 -2.46
CA LEU A 131 23.12 18.74 -2.88
C LEU A 131 24.15 18.00 -3.75
N PHE A 132 24.73 18.69 -4.74
CA PHE A 132 25.70 18.03 -5.65
C PHE A 132 26.92 17.56 -4.87
N THR A 133 27.49 18.39 -3.97
CA THR A 133 28.69 18.01 -3.22
C THR A 133 28.46 16.68 -2.47
N ALA A 134 27.26 16.50 -1.89
CA ALA A 134 26.95 15.27 -1.14
C ALA A 134 26.66 14.11 -2.09
N MET A 135 25.85 14.34 -3.12
CA MET A 135 25.27 13.23 -3.89
C MET A 135 26.20 12.79 -5.04
N ASP A 136 27.23 13.55 -5.36
CA ASP A 136 28.09 13.21 -6.53
C ASP A 136 28.79 11.89 -6.32
N SER A 137 29.10 11.50 -5.09
CA SER A 137 29.82 10.22 -4.85
C SER A 137 28.85 9.06 -4.70
N THR A 138 27.53 9.28 -4.76
CA THR A 138 26.55 8.17 -4.69
C THR A 138 26.21 7.71 -6.10
N ASP A 139 25.69 6.48 -6.24
CA ASP A 139 25.33 5.98 -7.59
C ASP A 139 23.82 5.85 -7.77
N ALA A 140 23.03 6.45 -6.88
CA ALA A 140 21.58 6.53 -7.13
C ALA A 140 21.23 7.55 -8.22
N ASP A 141 20.23 7.25 -9.06
CA ASP A 141 19.58 8.28 -9.90
C ASP A 141 18.93 9.29 -8.95
N VAL A 142 19.25 10.56 -9.11
CA VAL A 142 18.71 11.64 -8.26
C VAL A 142 17.70 12.43 -9.09
N VAL A 143 16.49 12.59 -8.61
CA VAL A 143 15.44 13.40 -9.28
C VAL A 143 15.08 14.53 -8.32
N ILE A 144 15.42 15.74 -8.70
CA ILE A 144 15.17 16.96 -7.89
C ILE A 144 13.77 17.43 -8.21
N TYR A 145 13.00 17.79 -7.20
CA TYR A 145 11.59 18.24 -7.34
C TYR A 145 11.51 19.71 -6.96
N CYS A 146 10.80 20.49 -7.76
CA CYS A 146 10.58 21.94 -7.51
C CYS A 146 9.16 22.31 -7.95
N ARG A 147 8.70 23.51 -7.61
CA ARG A 147 7.32 23.94 -7.95
C ARG A 147 7.31 25.15 -8.90
N ASP A 148 8.37 25.96 -8.91
CA ASP A 148 8.43 27.23 -9.68
C ASP A 148 8.99 26.98 -11.09
N LYS A 149 8.32 27.53 -12.11
CA LYS A 149 8.77 27.40 -13.52
C LYS A 149 10.18 27.97 -13.78
N GLU A 150 10.53 29.13 -13.22
CA GLU A 150 11.88 29.70 -13.44
C GLU A 150 12.96 28.88 -12.71
N TRP A 151 12.66 28.38 -11.52
CA TRP A 151 13.56 27.46 -10.79
C TRP A 151 13.80 26.18 -11.60
N GLU A 152 12.77 25.60 -12.20
CA GLU A 152 12.94 24.40 -13.04
C GLU A 152 14.00 24.67 -14.11
N LYS A 153 13.90 25.82 -14.81
CA LYS A 153 14.82 26.14 -15.92
C LYS A 153 16.25 26.28 -15.35
N LYS A 154 16.41 26.99 -14.23
CA LYS A 154 17.75 27.21 -13.63
C LYS A 154 18.37 25.90 -13.12
N ILE A 155 17.57 25.04 -12.50
CA ILE A 155 18.12 23.75 -12.01
C ILE A 155 18.55 22.91 -13.22
N SER A 156 17.73 22.89 -14.27
CA SER A 156 18.02 22.10 -15.48
C SER A 156 19.32 22.60 -16.12
N GLU A 157 19.46 23.92 -16.21
CA GLU A 157 20.66 24.62 -16.74
C GLU A 157 21.90 24.15 -15.95
N ALA A 158 21.82 24.18 -14.62
CA ALA A 158 22.93 23.83 -13.72
C ALA A 158 23.31 22.35 -13.91
N ILE A 159 22.34 21.47 -14.08
CA ILE A 159 22.65 20.03 -14.30
C ILE A 159 23.41 19.88 -15.63
N GLN A 160 22.88 20.50 -16.68
CA GLN A 160 23.38 20.39 -18.09
C GLN A 160 24.79 20.97 -18.18
N MET A 161 25.07 22.05 -17.42
CA MET A 161 26.40 22.73 -17.41
C MET A 161 27.53 21.76 -17.05
N ARG A 162 27.28 20.79 -16.17
CA ARG A 162 28.31 19.79 -15.74
C ARG A 162 28.38 18.66 -16.79
N THR A 163 27.39 18.61 -17.70
CA THR A 163 27.25 17.84 -18.96
C THR A 163 26.06 16.89 -18.78
N GLY B 1 3.03 -3.73 -33.91
CA GLY B 1 1.57 -4.13 -33.91
C GLY B 1 1.30 -5.36 -33.06
N ALA B 2 0.05 -5.52 -32.64
CA ALA B 2 -0.43 -6.70 -31.90
C ALA B 2 -0.57 -7.84 -32.90
N MET B 3 -0.24 -9.10 -32.57
CA MET B 3 -0.23 -10.18 -33.60
C MET B 3 -1.66 -10.49 -34.08
N ALA B 4 -2.66 -10.20 -33.26
CA ALA B 4 -4.10 -10.26 -33.67
C ALA B 4 -4.80 -9.02 -33.10
N PRO B 5 -4.66 -7.86 -33.77
CA PRO B 5 -5.20 -6.62 -33.21
C PRO B 5 -6.66 -6.80 -32.72
N SER B 6 -6.93 -6.29 -31.51
CA SER B 6 -8.21 -6.49 -30.81
C SER B 6 -8.70 -5.15 -30.21
N TYR B 7 -9.99 -5.13 -29.89
CA TYR B 7 -10.66 -4.19 -28.97
C TYR B 7 -11.05 -4.96 -27.69
N ARG B 8 -10.81 -4.33 -26.54
CA ARG B 8 -11.23 -4.85 -25.22
C ARG B 8 -11.80 -3.68 -24.40
N VAL B 9 -12.67 -3.96 -23.42
CA VAL B 9 -13.20 -2.90 -22.50
C VAL B 9 -12.87 -3.31 -21.07
N LYS B 10 -12.52 -2.32 -20.25
CA LYS B 10 -12.20 -2.52 -18.81
C LYS B 10 -12.93 -1.43 -18.06
N ARG B 11 -13.72 -1.83 -17.07
CA ARG B 11 -14.41 -0.87 -16.16
C ARG B 11 -13.51 -0.61 -14.95
N MET B 12 -12.63 0.40 -15.03
CA MET B 12 -11.64 0.75 -13.98
C MET B 12 -11.00 2.08 -14.36
N ASP B 13 -10.23 2.63 -13.44
CA ASP B 13 -9.46 3.91 -13.55
C ASP B 13 -8.35 3.72 -14.59
N ILE B 14 -8.39 4.51 -15.65
CA ILE B 14 -7.43 4.44 -16.77
C ILE B 14 -6.02 4.80 -16.29
N ALA B 15 -5.84 5.44 -15.13
CA ALA B 15 -4.48 5.70 -14.59
C ALA B 15 -3.78 4.37 -14.23
N LYS B 16 -4.54 3.32 -14.02
CA LYS B 16 -4.04 1.98 -13.61
C LYS B 16 -3.85 1.07 -14.82
N ASN B 17 -3.88 1.61 -16.03
CA ASN B 17 -3.79 0.80 -17.27
C ASN B 17 -2.44 0.06 -17.42
N ASP B 18 -2.48 -1.08 -18.13
CA ASP B 18 -1.36 -2.00 -18.42
C ASP B 18 -0.87 -1.82 -19.86
N GLU B 19 -1.39 -0.84 -20.58
CA GLU B 19 -1.07 -0.65 -22.01
C GLU B 19 0.17 0.20 -22.17
N GLU B 20 0.68 0.32 -23.38
CA GLU B 20 1.97 0.94 -23.71
C GLU B 20 1.86 2.46 -23.83
N CYS B 21 0.63 3.00 -23.74
CA CYS B 21 0.38 4.46 -23.74
C CYS B 21 -1.07 4.69 -23.36
N VAL B 22 -1.33 5.96 -22.97
CA VAL B 22 -2.64 6.40 -22.48
C VAL B 22 -3.09 7.62 -23.29
N VAL B 23 -4.42 7.62 -23.54
CA VAL B 23 -5.14 8.80 -24.06
C VAL B 23 -5.84 9.50 -22.89
N ASN B 24 -5.50 10.75 -22.71
CA ASN B 24 -6.15 11.65 -21.73
C ASN B 24 -7.36 12.31 -22.44
N ALA B 25 -8.48 12.38 -21.76
CA ALA B 25 -9.64 13.20 -22.21
C ALA B 25 -9.35 14.61 -21.72
N ALA B 26 -8.55 15.35 -22.47
CA ALA B 26 -7.90 16.62 -22.10
C ALA B 26 -8.86 17.82 -22.30
N ASN B 27 -8.57 18.91 -21.60
CA ASN B 27 -9.12 20.22 -21.98
C ASN B 27 -8.11 20.93 -22.86
N PRO B 28 -8.49 22.00 -23.58
CA PRO B 28 -7.59 22.68 -24.50
C PRO B 28 -6.39 23.38 -23.83
N ARG B 29 -6.43 23.61 -22.51
CA ARG B 29 -5.46 24.53 -21.85
C ARG B 29 -4.45 23.75 -21.03
N GLY B 30 -4.52 22.42 -21.05
CA GLY B 30 -3.63 21.55 -20.29
C GLY B 30 -3.75 21.78 -18.80
N LEU B 31 -4.98 21.95 -18.33
CA LEU B 31 -5.30 22.16 -16.90
C LEU B 31 -5.74 20.82 -16.34
N PRO B 32 -5.69 20.61 -15.00
CA PRO B 32 -6.11 19.35 -14.40
C PRO B 32 -7.50 18.69 -14.65
N GLY B 33 -8.59 19.42 -14.68
CA GLY B 33 -9.89 18.87 -15.17
C GLY B 33 -10.65 17.91 -14.24
N ASP B 34 -11.65 17.22 -14.79
CA ASP B 34 -12.51 16.25 -14.06
C ASP B 34 -12.41 14.87 -14.69
N GLY B 35 -13.01 13.86 -14.03
CA GLY B 35 -13.08 12.47 -14.53
C GLY B 35 -11.70 11.92 -14.89
N VAL B 36 -11.57 11.36 -16.11
CA VAL B 36 -10.28 10.79 -16.59
C VAL B 36 -9.13 11.79 -16.46
N CYS B 37 -9.33 13.05 -16.77
CA CYS B 37 -8.25 14.07 -16.78
C CYS B 37 -7.71 14.24 -15.35
N LYS B 38 -8.59 14.21 -14.36
CA LYS B 38 -8.18 14.34 -12.93
C LYS B 38 -7.26 13.14 -12.54
N ALA B 39 -7.62 11.95 -12.98
CA ALA B 39 -6.84 10.70 -12.73
C ALA B 39 -5.48 10.77 -13.43
N VAL B 40 -5.45 11.25 -14.66
CA VAL B 40 -4.18 11.39 -15.41
C VAL B 40 -3.29 12.45 -14.76
N TYR B 41 -3.83 13.59 -14.32
CA TYR B 41 -3.02 14.63 -13.65
C TYR B 41 -2.47 14.10 -12.32
N LYS B 42 -3.21 13.22 -11.67
CA LYS B 42 -2.77 12.72 -10.35
C LYS B 42 -1.48 11.88 -10.54
N LYS B 43 -1.31 11.20 -11.67
CA LYS B 43 -0.14 10.29 -11.86
C LYS B 43 0.94 10.94 -12.74
N TRP B 44 0.54 11.65 -13.82
CA TRP B 44 1.47 12.20 -14.83
C TRP B 44 1.30 13.69 -14.95
N PRO B 45 1.44 14.47 -13.84
CA PRO B 45 1.26 15.90 -13.94
C PRO B 45 2.28 16.53 -14.85
N GLU B 46 3.53 15.99 -14.87
CA GLU B 46 4.61 16.54 -15.73
C GLU B 46 4.29 16.29 -17.21
N SER B 47 3.33 15.43 -17.50
CA SER B 47 2.80 15.28 -18.89
C SER B 47 1.93 16.46 -19.31
N PHE B 48 1.59 17.40 -18.41
CA PHE B 48 0.79 18.60 -18.75
C PHE B 48 1.69 19.76 -19.14
N LYS B 49 3.02 19.57 -19.10
CA LYS B 49 3.96 20.64 -19.47
C LYS B 49 3.77 20.93 -20.96
N ASN B 50 3.25 22.12 -21.27
CA ASN B 50 3.07 22.57 -22.67
C ASN B 50 2.15 21.57 -23.41
N SER B 51 1.12 21.07 -22.74
CA SER B 51 0.15 20.13 -23.36
C SER B 51 -1.05 20.86 -23.98
N ALA B 52 -1.18 22.18 -23.84
CA ALA B 52 -2.34 22.91 -24.38
C ALA B 52 -2.43 22.67 -25.90
N THR B 53 -3.60 22.39 -26.43
CA THR B 53 -3.78 22.09 -27.88
C THR B 53 -5.24 22.34 -28.22
N PRO B 54 -5.59 22.73 -29.47
CA PRO B 54 -6.97 23.07 -29.80
C PRO B 54 -7.93 21.89 -29.76
N VAL B 55 -9.22 22.23 -29.66
CA VAL B 55 -10.29 21.24 -29.78
C VAL B 55 -10.08 20.49 -31.10
N GLY B 56 -10.32 19.18 -31.09
CA GLY B 56 -10.26 18.34 -32.28
C GLY B 56 -8.85 17.91 -32.59
N THR B 57 -7.91 18.11 -31.66
CA THR B 57 -6.50 17.71 -31.86
C THR B 57 -6.00 16.85 -30.69
N ALA B 58 -4.86 16.20 -30.90
CA ALA B 58 -4.16 15.42 -29.86
C ALA B 58 -2.70 15.84 -29.84
N LYS B 59 -2.16 16.02 -28.64
CA LYS B 59 -0.76 16.40 -28.40
C LYS B 59 -0.12 15.41 -27.40
N THR B 60 0.98 14.76 -27.78
CA THR B 60 1.62 13.71 -26.94
C THR B 60 2.78 14.32 -26.15
N VAL B 61 2.82 14.03 -24.87
CA VAL B 61 3.95 14.44 -23.99
C VAL B 61 4.49 13.16 -23.38
N MET B 62 5.80 12.95 -23.55
CA MET B 62 6.55 11.79 -23.03
C MET B 62 6.88 12.03 -21.57
N CYS B 63 6.48 11.08 -20.74
CA CYS B 63 6.97 10.92 -19.36
C CYS B 63 8.01 9.80 -19.34
N GLY B 64 9.29 10.13 -19.56
CA GLY B 64 10.30 9.08 -19.74
C GLY B 64 10.00 8.37 -21.03
N THR B 65 9.71 7.08 -20.97
CA THR B 65 9.43 6.27 -22.19
C THR B 65 7.91 6.17 -22.42
N TYR B 66 7.07 6.73 -21.53
CA TYR B 66 5.61 6.46 -21.51
C TYR B 66 4.88 7.64 -22.15
N PRO B 67 4.25 7.46 -23.34
CA PRO B 67 3.50 8.53 -24.00
C PRO B 67 2.09 8.78 -23.43
N VAL B 68 1.82 10.04 -23.11
CA VAL B 68 0.48 10.56 -22.71
C VAL B 68 -0.06 11.36 -23.86
N ILE B 69 -1.10 10.82 -24.52
CA ILE B 69 -1.71 11.48 -25.70
C ILE B 69 -2.91 12.34 -25.23
N HIS B 70 -2.74 13.64 -25.18
CA HIS B 70 -3.82 14.54 -24.72
C HIS B 70 -4.77 14.78 -25.91
N ALA B 71 -5.97 14.21 -25.84
CA ALA B 71 -6.97 14.31 -26.95
C ALA B 71 -8.08 15.27 -26.50
N VAL B 72 -8.28 16.34 -27.26
CA VAL B 72 -9.28 17.39 -26.84
C VAL B 72 -10.59 17.19 -27.60
N GLY B 73 -11.56 16.54 -26.98
CA GLY B 73 -12.92 16.47 -27.50
C GLY B 73 -13.68 17.76 -27.18
N PRO B 74 -14.74 18.05 -27.94
CA PRO B 74 -15.52 19.28 -27.76
C PRO B 74 -16.37 19.19 -26.50
N ASN B 75 -16.61 20.37 -25.91
CA ASN B 75 -17.65 20.53 -24.86
C ASN B 75 -18.99 20.83 -25.56
N PHE B 76 -19.91 19.89 -25.53
CA PHE B 76 -21.23 20.08 -26.18
C PHE B 76 -22.06 21.12 -25.42
N SER B 77 -21.65 21.65 -24.27
CA SER B 77 -22.32 22.86 -23.69
C SER B 77 -22.04 24.08 -24.58
N ASN B 78 -20.94 24.09 -25.35
CA ASN B 78 -20.45 25.24 -26.14
C ASN B 78 -20.57 25.04 -27.65
N TYR B 79 -20.32 23.83 -28.13
CA TYR B 79 -20.45 23.47 -29.58
C TYR B 79 -21.88 23.09 -29.87
N THR B 80 -22.34 23.37 -31.10
CA THR B 80 -23.57 22.78 -31.59
C THR B 80 -23.44 21.28 -31.82
N GLU B 81 -24.54 20.57 -31.99
CA GLU B 81 -24.51 19.12 -32.33
C GLU B 81 -23.69 18.94 -33.61
N SER B 82 -23.88 19.78 -34.62
CA SER B 82 -23.17 19.64 -35.90
C SER B 82 -21.65 19.83 -35.71
N GLU B 83 -21.25 20.96 -35.15
CA GLU B 83 -19.82 21.32 -35.05
C GLU B 83 -19.14 20.36 -34.06
N GLY B 84 -19.82 20.00 -33.00
CA GLY B 84 -19.30 19.06 -31.99
C GLY B 84 -19.05 17.71 -32.60
N ASP B 85 -19.93 17.23 -33.46
CA ASP B 85 -19.79 15.87 -34.02
C ASP B 85 -18.52 15.85 -34.85
N ARG B 86 -18.23 16.92 -35.59
CA ARG B 86 -17.07 16.98 -36.49
C ARG B 86 -15.81 17.05 -35.63
N GLU B 87 -15.80 17.84 -34.55
CA GLU B 87 -14.58 17.99 -33.71
C GLU B 87 -14.32 16.70 -32.95
N LEU B 88 -15.34 15.99 -32.55
CA LEU B 88 -15.20 14.72 -31.81
C LEU B 88 -14.59 13.68 -32.77
N ALA B 89 -15.05 13.59 -34.00
CA ALA B 89 -14.43 12.69 -35.00
C ALA B 89 -12.98 13.06 -35.20
N ALA B 90 -12.68 14.36 -35.34
CA ALA B 90 -11.32 14.88 -35.58
C ALA B 90 -10.38 14.47 -34.42
N ALA B 91 -10.81 14.61 -33.17
CA ALA B 91 -9.92 14.31 -32.03
C ALA B 91 -9.51 12.85 -32.16
N TYR B 92 -10.45 11.94 -32.43
CA TYR B 92 -10.12 10.50 -32.51
C TYR B 92 -9.23 10.26 -33.73
N ARG B 93 -9.44 10.93 -34.84
CA ARG B 93 -8.54 10.77 -36.02
C ARG B 93 -7.09 11.14 -35.63
N GLU B 94 -6.91 12.19 -34.83
N GLU B 94 -6.92 12.19 -34.83
CA GLU B 94 -5.56 12.63 -34.38
CA GLU B 94 -5.57 12.63 -34.38
C GLU B 94 -4.98 11.57 -33.43
C GLU B 94 -4.98 11.58 -33.42
N VAL B 95 -5.82 10.95 -32.60
CA VAL B 95 -5.37 9.86 -31.70
C VAL B 95 -4.82 8.71 -32.56
N ALA B 96 -5.50 8.33 -33.63
CA ALA B 96 -5.06 7.19 -34.48
C ALA B 96 -3.69 7.51 -35.08
N LYS B 97 -3.49 8.73 -35.58
CA LYS B 97 -2.19 9.16 -36.16
C LYS B 97 -1.10 9.09 -35.08
N GLU B 98 -1.38 9.55 -33.87
CA GLU B 98 -0.34 9.54 -32.79
C GLU B 98 0.00 8.11 -32.44
N VAL B 99 -0.99 7.26 -32.19
CA VAL B 99 -0.76 5.85 -31.84
C VAL B 99 0.12 5.22 -32.96
N THR B 100 -0.17 5.52 -34.20
CA THR B 100 0.55 4.93 -35.36
C THR B 100 1.99 5.45 -35.30
N ARG B 101 2.16 6.76 -35.13
CA ARG B 101 3.52 7.39 -35.13
C ARG B 101 4.38 6.82 -34.00
N LEU B 102 3.80 6.53 -32.84
CA LEU B 102 4.53 6.09 -31.64
C LEU B 102 5.00 4.65 -31.80
N GLY B 103 4.31 3.86 -32.63
CA GLY B 103 4.66 2.45 -32.85
C GLY B 103 4.32 1.57 -31.68
N VAL B 104 3.47 2.02 -30.77
CA VAL B 104 2.97 1.20 -29.64
C VAL B 104 2.20 0.00 -30.19
N ASN B 105 2.18 -1.06 -29.41
CA ASN B 105 1.38 -2.29 -29.68
C ASN B 105 0.07 -2.30 -28.88
N SER B 106 -0.11 -1.37 -27.93
CA SER B 106 -1.38 -1.23 -27.16
C SER B 106 -1.57 0.23 -26.73
N VAL B 107 -2.84 0.58 -26.51
CA VAL B 107 -3.23 1.95 -26.08
C VAL B 107 -4.51 1.83 -25.26
N ALA B 108 -4.57 2.58 -24.16
CA ALA B 108 -5.71 2.73 -23.26
C ALA B 108 -6.42 4.02 -23.67
N ILE B 109 -7.72 3.95 -23.94
N ILE B 109 -7.72 3.92 -24.00
CA ILE B 109 -8.48 5.11 -24.49
CA ILE B 109 -8.55 5.02 -24.58
C ILE B 109 -9.82 5.22 -23.78
C ILE B 109 -9.82 5.20 -23.74
N PRO B 110 -10.18 6.43 -23.30
CA PRO B 110 -11.49 6.68 -22.72
C PRO B 110 -12.47 7.16 -23.81
N LEU B 111 -13.77 7.22 -23.51
CA LEU B 111 -14.78 7.76 -24.47
C LEU B 111 -14.82 9.28 -24.32
N LEU B 112 -14.27 9.98 -25.29
CA LEU B 112 -14.19 11.44 -25.32
C LEU B 112 -15.60 12.05 -25.39
N SER B 113 -15.73 13.14 -24.64
CA SER B 113 -16.94 14.01 -24.58
C SER B 113 -18.14 13.29 -23.96
N THR B 114 -17.98 12.25 -23.15
CA THR B 114 -19.10 11.51 -22.53
C THR B 114 -19.36 11.94 -21.07
N GLY B 115 -18.45 12.69 -20.48
CA GLY B 115 -18.59 13.13 -19.06
C GLY B 115 -19.07 14.57 -19.00
N VAL B 116 -18.26 15.44 -18.41
CA VAL B 116 -18.54 16.89 -18.13
C VAL B 116 -18.59 17.70 -19.44
N TYR B 117 -18.18 17.11 -20.56
CA TYR B 117 -18.29 17.73 -21.92
C TYR B 117 -19.50 17.18 -22.70
N SER B 118 -20.37 16.33 -22.14
CA SER B 118 -21.51 15.72 -22.86
C SER B 118 -22.69 16.69 -23.11
N GLY B 119 -22.72 17.82 -22.42
CA GLY B 119 -23.86 18.75 -22.56
C GLY B 119 -25.14 18.14 -22.01
N GLY B 120 -25.03 17.20 -21.07
CA GLY B 120 -26.15 16.51 -20.42
C GLY B 120 -26.77 15.40 -21.26
N LYS B 121 -26.15 14.97 -22.37
CA LYS B 121 -26.68 13.92 -23.26
C LYS B 121 -25.86 12.62 -23.10
N ASP B 122 -26.52 11.48 -23.23
CA ASP B 122 -25.87 10.14 -23.28
C ASP B 122 -25.19 10.03 -24.66
N ARG B 123 -23.85 10.06 -24.70
CA ARG B 123 -23.10 10.02 -26.00
C ARG B 123 -22.26 8.74 -26.15
N LEU B 124 -22.64 7.66 -25.48
CA LEU B 124 -21.85 6.41 -25.57
C LEU B 124 -21.73 6.01 -27.05
N THR B 125 -22.85 5.87 -27.74
CA THR B 125 -22.88 5.33 -29.12
C THR B 125 -22.11 6.28 -30.04
N GLN B 126 -22.36 7.57 -29.93
CA GLN B 126 -21.67 8.60 -30.76
C GLN B 126 -20.16 8.53 -30.55
N SER B 127 -19.73 8.56 -29.31
CA SER B 127 -18.27 8.61 -29.02
C SER B 127 -17.62 7.27 -29.42
N LEU B 128 -18.28 6.14 -29.15
CA LEU B 128 -17.73 4.80 -29.55
C LEU B 128 -17.65 4.68 -31.07
N ASN B 129 -18.65 5.16 -31.78
CA ASN B 129 -18.66 5.11 -33.26
C ASN B 129 -17.44 5.88 -33.79
N HIS B 130 -17.17 7.08 -33.29
CA HIS B 130 -16.02 7.87 -33.77
C HIS B 130 -14.70 7.18 -33.38
N LEU B 131 -14.66 6.53 -32.22
CA LEU B 131 -13.42 5.82 -31.79
C LEU B 131 -13.17 4.69 -32.81
N PHE B 132 -14.17 3.87 -33.11
CA PHE B 132 -14.00 2.77 -34.08
C PHE B 132 -13.60 3.35 -35.43
N THR B 133 -14.27 4.40 -35.89
CA THR B 133 -14.00 4.91 -37.27
C THR B 133 -12.50 5.24 -37.39
N ALA B 134 -11.92 5.83 -36.33
CA ALA B 134 -10.52 6.25 -36.35
C ALA B 134 -9.62 5.04 -36.14
N MET B 135 -9.92 4.20 -35.18
CA MET B 135 -8.92 3.21 -34.68
C MET B 135 -8.99 1.94 -35.54
N ASP B 136 -10.05 1.73 -36.35
CA ASP B 136 -10.23 0.45 -37.07
C ASP B 136 -9.00 0.17 -37.95
N SER B 137 -8.43 1.19 -38.57
CA SER B 137 -7.32 1.01 -39.54
C SER B 137 -5.96 0.90 -38.81
N THR B 138 -5.88 1.04 -37.49
CA THR B 138 -4.64 0.86 -36.71
C THR B 138 -4.51 -0.61 -36.28
N ASP B 139 -3.28 -1.06 -35.99
CA ASP B 139 -3.04 -2.44 -35.53
C ASP B 139 -2.67 -2.52 -34.05
N ALA B 140 -2.78 -1.43 -33.27
CA ALA B 140 -2.59 -1.50 -31.81
C ALA B 140 -3.75 -2.29 -31.18
N ASP B 141 -3.47 -3.05 -30.14
CA ASP B 141 -4.52 -3.54 -29.24
C ASP B 141 -5.12 -2.33 -28.54
N VAL B 142 -6.43 -2.17 -28.65
CA VAL B 142 -7.12 -1.00 -28.03
C VAL B 142 -7.92 -1.49 -26.83
N VAL B 143 -7.70 -0.84 -25.68
CA VAL B 143 -8.44 -1.10 -24.43
C VAL B 143 -9.23 0.17 -24.10
N ILE B 144 -10.53 0.05 -24.18
CA ILE B 144 -11.51 1.15 -23.88
C ILE B 144 -11.81 1.12 -22.37
N TYR B 145 -11.62 2.25 -21.69
CA TYR B 145 -11.86 2.40 -20.23
C TYR B 145 -13.22 3.06 -20.03
N CYS B 146 -13.96 2.61 -19.03
CA CYS B 146 -15.23 3.25 -18.59
C CYS B 146 -15.36 2.99 -17.07
N ARG B 147 -16.34 3.63 -16.44
CA ARG B 147 -16.60 3.48 -14.98
C ARG B 147 -17.97 2.88 -14.67
N ASP B 148 -18.97 3.10 -15.53
CA ASP B 148 -20.38 2.68 -15.30
C ASP B 148 -20.60 1.24 -15.79
N LYS B 149 -21.31 0.44 -15.00
CA LYS B 149 -21.57 -0.99 -15.33
C LYS B 149 -22.51 -1.16 -16.51
N GLU B 150 -23.53 -0.30 -16.69
CA GLU B 150 -24.44 -0.36 -17.86
C GLU B 150 -23.63 0.03 -19.12
N TRP B 151 -22.70 0.98 -18.98
CA TRP B 151 -21.83 1.41 -20.12
C TRP B 151 -20.86 0.27 -20.51
N GLU B 152 -20.18 -0.33 -19.55
CA GLU B 152 -19.29 -1.49 -19.79
C GLU B 152 -20.03 -2.55 -20.61
N LYS B 153 -21.25 -2.91 -20.20
CA LYS B 153 -22.07 -3.95 -20.86
C LYS B 153 -22.41 -3.52 -22.29
N LYS B 154 -22.74 -2.24 -22.51
CA LYS B 154 -23.12 -1.71 -23.85
C LYS B 154 -21.89 -1.69 -24.77
N ILE B 155 -20.74 -1.27 -24.25
CA ILE B 155 -19.44 -1.20 -25.01
C ILE B 155 -19.03 -2.62 -25.39
N SER B 156 -19.02 -3.52 -24.41
CA SER B 156 -18.69 -4.96 -24.62
C SER B 156 -19.58 -5.55 -25.72
N GLU B 157 -20.89 -5.30 -25.64
CA GLU B 157 -21.89 -5.77 -26.63
C GLU B 157 -21.54 -5.24 -28.03
N ALA B 158 -21.22 -3.95 -28.13
CA ALA B 158 -20.88 -3.29 -29.41
C ALA B 158 -19.62 -3.94 -30.01
N ILE B 159 -18.62 -4.27 -29.19
CA ILE B 159 -17.34 -4.89 -29.69
C ILE B 159 -17.62 -6.28 -30.27
N GLN B 160 -18.32 -7.12 -29.51
CA GLN B 160 -18.53 -8.56 -29.83
C GLN B 160 -19.40 -8.69 -31.09
N MET B 161 -20.29 -7.73 -31.34
CA MET B 161 -21.31 -7.74 -32.41
C MET B 161 -20.65 -7.55 -33.79
N ARG B 162 -19.52 -6.82 -33.86
CA ARG B 162 -18.90 -6.42 -35.14
C ARG B 162 -18.13 -7.57 -35.78
N THR B 163 -17.75 -8.57 -34.98
CA THR B 163 -16.81 -9.64 -35.36
C THR B 163 -17.59 -10.97 -35.32
N GLY C 1 -9.29 -22.81 13.48
CA GLY C 1 -7.80 -22.49 13.54
C GLY C 1 -6.95 -23.73 13.54
N ALA C 2 -5.73 -23.68 12.98
CA ALA C 2 -4.70 -24.71 13.15
C ALA C 2 -4.32 -24.78 14.63
N MET C 3 -4.05 -25.97 15.18
CA MET C 3 -3.69 -26.11 16.63
C MET C 3 -2.40 -25.33 16.94
N ALA C 4 -1.42 -25.29 16.03
CA ALA C 4 -0.14 -24.55 16.20
C ALA C 4 0.15 -23.88 14.87
N PRO C 5 -0.50 -22.72 14.59
CA PRO C 5 -0.41 -22.07 13.28
C PRO C 5 1.04 -21.91 12.86
N SER C 6 1.35 -22.28 11.62
CA SER C 6 2.72 -22.30 11.06
C SER C 6 2.80 -21.60 9.70
N TYR C 7 4.02 -21.32 9.26
CA TYR C 7 4.38 -20.99 7.88
C TYR C 7 5.23 -22.12 7.31
N ARG C 8 4.99 -22.48 6.05
CA ARG C 8 5.86 -23.40 5.30
C ARG C 8 6.02 -22.88 3.88
N VAL C 9 7.04 -23.34 3.19
CA VAL C 9 7.25 -23.06 1.76
C VAL C 9 7.41 -24.38 1.00
N LYS C 10 6.83 -24.43 -0.19
CA LYS C 10 6.91 -25.55 -1.13
C LYS C 10 7.28 -25.02 -2.52
N ARG C 11 8.22 -25.69 -3.18
CA ARG C 11 8.55 -25.45 -4.61
C ARG C 11 7.72 -26.42 -5.45
N MET C 12 6.56 -25.98 -5.93
CA MET C 12 5.49 -26.86 -6.40
C MET C 12 4.43 -26.00 -7.08
N ASP C 13 3.73 -26.56 -8.06
CA ASP C 13 2.56 -25.95 -8.76
C ASP C 13 1.46 -25.69 -7.72
N ILE C 14 1.07 -24.43 -7.53
CA ILE C 14 0.03 -24.07 -6.53
C ILE C 14 -1.31 -24.70 -6.95
N ALA C 15 -1.47 -25.04 -8.23
CA ALA C 15 -2.74 -25.64 -8.68
C ALA C 15 -2.89 -27.08 -8.15
N LYS C 16 -1.82 -27.64 -7.56
N LYS C 16 -1.84 -27.68 -7.59
CA LYS C 16 -1.78 -28.99 -6.96
CA LYS C 16 -1.93 -29.02 -6.93
C LYS C 16 -1.64 -28.90 -5.42
C LYS C 16 -1.65 -28.89 -5.43
N ASN C 17 -2.01 -27.75 -4.82
CA ASN C 17 -1.83 -27.57 -3.37
C ASN C 17 -2.62 -28.58 -2.52
N ASP C 18 -2.22 -28.74 -1.28
CA ASP C 18 -2.85 -29.64 -0.26
C ASP C 18 -3.50 -28.83 0.86
N GLU C 19 -3.98 -27.64 0.56
CA GLU C 19 -4.63 -26.78 1.55
C GLU C 19 -6.14 -26.61 1.30
N GLU C 20 -6.81 -25.96 2.24
CA GLU C 20 -8.32 -25.82 2.24
C GLU C 20 -8.79 -24.69 1.32
N CYS C 21 -7.91 -23.81 0.88
CA CYS C 21 -8.24 -22.77 -0.13
C CYS C 21 -6.97 -22.27 -0.79
N VAL C 22 -7.14 -21.53 -1.87
CA VAL C 22 -6.01 -21.03 -2.68
C VAL C 22 -6.17 -19.54 -2.90
N VAL C 23 -5.05 -18.82 -2.93
CA VAL C 23 -4.94 -17.41 -3.37
C VAL C 23 -4.47 -17.41 -4.81
N ASN C 24 -5.28 -16.81 -5.68
CA ASN C 24 -4.90 -16.57 -7.09
C ASN C 24 -4.22 -15.21 -7.20
N ALA C 25 -3.07 -15.12 -7.86
CA ALA C 25 -2.46 -13.81 -8.19
C ALA C 25 -3.18 -13.29 -9.42
N ALA C 26 -4.24 -12.57 -9.15
CA ALA C 26 -5.29 -12.18 -10.11
C ALA C 26 -4.97 -10.85 -10.79
N ASN C 27 -5.74 -10.57 -11.86
CA ASN C 27 -5.76 -9.29 -12.58
C ASN C 27 -7.12 -8.65 -12.33
N PRO C 28 -7.22 -7.31 -12.39
CA PRO C 28 -8.45 -6.63 -12.03
C PRO C 28 -9.68 -7.04 -12.85
N ARG C 29 -9.50 -7.52 -14.07
CA ARG C 29 -10.61 -7.85 -15.01
C ARG C 29 -11.12 -9.27 -14.72
N GLY C 30 -10.35 -10.09 -14.01
CA GLY C 30 -10.75 -11.47 -13.75
C GLY C 30 -10.59 -12.36 -14.96
N LEU C 31 -9.57 -12.09 -15.78
CA LEU C 31 -9.21 -12.90 -16.96
C LEU C 31 -8.21 -13.99 -16.57
N PRO C 32 -8.10 -15.09 -17.35
CA PRO C 32 -6.95 -15.98 -17.24
C PRO C 32 -5.65 -15.19 -17.45
N GLY C 33 -4.62 -15.47 -16.66
CA GLY C 33 -3.32 -14.77 -16.78
C GLY C 33 -2.28 -15.59 -17.51
N ASP C 34 -1.01 -15.27 -17.29
N ASP C 34 -1.03 -15.20 -17.50
CA ASP C 34 0.18 -16.04 -17.76
CA ASP C 34 0.09 -16.14 -17.70
C ASP C 34 1.06 -16.37 -16.54
C ASP C 34 0.59 -16.53 -16.31
N GLY C 35 1.24 -17.67 -16.22
CA GLY C 35 1.99 -18.14 -15.04
C GLY C 35 1.09 -18.83 -14.02
N VAL C 36 0.83 -18.17 -12.88
CA VAL C 36 -0.01 -18.72 -11.76
C VAL C 36 -1.48 -18.55 -12.12
N CYS C 37 -1.87 -17.35 -12.56
CA CYS C 37 -3.28 -17.03 -12.90
C CYS C 37 -3.79 -17.99 -13.99
N LYS C 38 -2.91 -18.49 -14.88
CA LYS C 38 -3.23 -19.47 -15.98
C LYS C 38 -3.40 -20.90 -15.44
N ALA C 39 -2.41 -21.50 -14.78
CA ALA C 39 -2.54 -22.80 -14.09
C ALA C 39 -3.79 -22.79 -13.19
N VAL C 40 -4.08 -21.67 -12.53
CA VAL C 40 -5.21 -21.54 -11.59
C VAL C 40 -6.51 -21.60 -12.40
N TYR C 41 -6.54 -20.89 -13.55
CA TYR C 41 -7.72 -20.87 -14.45
C TYR C 41 -7.96 -22.27 -14.97
N LYS C 42 -6.91 -23.00 -15.31
CA LYS C 42 -7.04 -24.36 -15.88
C LYS C 42 -7.62 -25.28 -14.80
N LYS C 43 -7.22 -25.11 -13.52
CA LYS C 43 -7.64 -26.04 -12.44
C LYS C 43 -9.05 -25.69 -11.93
N TRP C 44 -9.37 -24.41 -11.79
CA TRP C 44 -10.64 -23.93 -11.18
C TRP C 44 -11.32 -22.91 -12.05
N PRO C 45 -11.61 -23.21 -13.35
CA PRO C 45 -12.16 -22.19 -14.24
C PRO C 45 -13.48 -21.59 -13.75
N GLU C 46 -14.33 -22.38 -13.06
CA GLU C 46 -15.64 -21.92 -12.55
C GLU C 46 -15.47 -20.77 -11.55
N SER C 47 -14.29 -20.67 -10.91
CA SER C 47 -14.03 -19.61 -9.93
C SER C 47 -13.80 -18.25 -10.61
N PHE C 48 -13.69 -18.18 -11.95
CA PHE C 48 -13.47 -16.91 -12.69
C PHE C 48 -14.81 -16.24 -13.11
N LYS C 49 -15.95 -16.81 -12.69
CA LYS C 49 -17.30 -16.19 -12.83
C LYS C 49 -17.38 -14.92 -11.95
N ASN C 50 -17.41 -13.74 -12.57
CA ASN C 50 -17.55 -12.46 -11.82
C ASN C 50 -16.46 -12.33 -10.73
N SER C 51 -15.23 -12.69 -11.10
CA SER C 51 -14.04 -12.61 -10.22
C SER C 51 -13.35 -11.25 -10.29
N ALA C 52 -13.76 -10.37 -11.21
CA ALA C 52 -13.17 -9.02 -11.30
C ALA C 52 -13.22 -8.32 -9.94
N THR C 53 -12.11 -7.65 -9.58
CA THR C 53 -11.98 -6.92 -8.32
C THR C 53 -10.84 -5.91 -8.46
N PRO C 54 -10.92 -4.73 -7.83
CA PRO C 54 -9.89 -3.71 -8.01
C PRO C 54 -8.51 -4.09 -7.49
N VAL C 55 -7.53 -3.38 -8.01
CA VAL C 55 -6.15 -3.43 -7.45
C VAL C 55 -6.21 -3.14 -5.96
N GLY C 56 -5.45 -3.92 -5.19
CA GLY C 56 -5.38 -3.76 -3.74
C GLY C 56 -6.50 -4.43 -2.97
N THR C 57 -7.30 -5.28 -3.63
CA THR C 57 -8.45 -5.98 -3.02
C THR C 57 -8.35 -7.48 -3.30
N ALA C 58 -9.21 -8.23 -2.60
CA ALA C 58 -9.34 -9.68 -2.82
C ALA C 58 -10.83 -10.03 -2.86
N LYS C 59 -11.20 -10.95 -3.75
CA LYS C 59 -12.60 -11.42 -3.85
C LYS C 59 -12.57 -12.94 -3.93
N THR C 60 -13.36 -13.61 -3.08
CA THR C 60 -13.45 -15.08 -3.09
C THR C 60 -14.59 -15.55 -4.01
N VAL C 61 -14.29 -16.46 -4.93
CA VAL C 61 -15.35 -17.19 -5.69
C VAL C 61 -15.11 -18.69 -5.48
N MET C 62 -16.20 -19.40 -5.20
CA MET C 62 -16.14 -20.87 -5.01
C MET C 62 -16.06 -21.58 -6.35
N CYS C 63 -15.21 -22.60 -6.41
CA CYS C 63 -15.20 -23.63 -7.44
C CYS C 63 -15.77 -24.89 -6.80
N GLY C 64 -17.07 -25.18 -6.99
CA GLY C 64 -17.73 -26.17 -6.12
C GLY C 64 -17.90 -25.63 -4.71
N THR C 65 -17.22 -26.21 -3.71
CA THR C 65 -17.12 -25.65 -2.34
C THR C 65 -15.65 -25.19 -2.09
N TYR C 66 -14.77 -25.33 -3.05
CA TYR C 66 -13.32 -25.01 -2.86
C TYR C 66 -13.13 -23.49 -3.11
N PRO C 67 -12.71 -22.70 -2.07
CA PRO C 67 -12.58 -21.25 -2.19
C PRO C 67 -11.32 -20.86 -2.96
N VAL C 68 -11.50 -20.03 -3.98
CA VAL C 68 -10.43 -19.34 -4.72
C VAL C 68 -10.48 -17.86 -4.37
N ILE C 69 -9.44 -17.36 -3.68
CA ILE C 69 -9.36 -15.95 -3.25
C ILE C 69 -8.55 -15.21 -4.30
N HIS C 70 -9.24 -14.41 -5.14
CA HIS C 70 -8.58 -13.66 -6.22
C HIS C 70 -8.03 -12.36 -5.61
N ALA C 71 -6.71 -12.28 -5.43
CA ALA C 71 -6.01 -11.13 -4.82
C ALA C 71 -5.29 -10.37 -5.92
N VAL C 72 -5.61 -9.08 -6.01
CA VAL C 72 -5.03 -8.25 -7.10
C VAL C 72 -3.91 -7.35 -6.55
N GLY C 73 -2.67 -7.82 -6.65
CA GLY C 73 -1.49 -6.98 -6.35
C GLY C 73 -1.33 -5.97 -7.47
N PRO C 74 -0.59 -4.87 -7.21
CA PRO C 74 -0.27 -3.93 -8.25
C PRO C 74 0.74 -4.46 -9.26
N ASN C 75 0.63 -3.97 -10.50
CA ASN C 75 1.64 -4.20 -11.54
C ASN C 75 2.65 -3.04 -11.46
N PHE C 76 3.85 -3.38 -11.00
CA PHE C 76 4.91 -2.37 -10.80
C PHE C 76 5.47 -1.83 -12.13
N SER C 77 5.07 -2.37 -13.29
CA SER C 77 5.41 -1.78 -14.60
C SER C 77 4.63 -0.47 -14.80
N ASN C 78 3.53 -0.32 -14.07
CA ASN C 78 2.57 0.80 -14.19
C ASN C 78 2.66 1.67 -12.92
N TYR C 79 2.72 1.04 -11.75
CA TYR C 79 2.62 1.74 -10.44
C TYR C 79 4.01 2.24 -10.05
N THR C 80 4.07 3.40 -9.43
CA THR C 80 5.34 3.84 -8.80
C THR C 80 5.67 2.94 -7.60
N GLU C 81 6.92 3.00 -7.16
CA GLU C 81 7.31 2.23 -5.95
C GLU C 81 6.43 2.65 -4.77
N SER C 82 6.23 3.93 -4.55
CA SER C 82 5.41 4.45 -3.44
C SER C 82 3.97 3.93 -3.51
N GLU C 83 3.26 4.17 -4.61
CA GLU C 83 1.85 3.81 -4.68
C GLU C 83 1.70 2.27 -4.69
N GLY C 84 2.60 1.59 -5.36
CA GLY C 84 2.52 0.12 -5.43
C GLY C 84 2.78 -0.52 -4.09
N ASP C 85 3.71 0.00 -3.28
CA ASP C 85 3.94 -0.57 -1.93
C ASP C 85 2.65 -0.52 -1.12
N ARG C 86 1.89 0.55 -1.16
CA ARG C 86 0.66 0.65 -0.36
C ARG C 86 -0.41 -0.33 -0.91
N GLU C 87 -0.51 -0.50 -2.22
CA GLU C 87 -1.56 -1.39 -2.78
C GLU C 87 -1.16 -2.87 -2.56
N LEU C 88 0.12 -3.21 -2.55
CA LEU C 88 0.59 -4.60 -2.29
C LEU C 88 0.24 -4.94 -0.84
N ALA C 89 0.52 -4.04 0.10
CA ALA C 89 0.17 -4.22 1.52
C ALA C 89 -1.34 -4.45 1.66
N ALA C 90 -2.16 -3.64 0.97
CA ALA C 90 -3.63 -3.70 1.04
C ALA C 90 -4.13 -5.04 0.48
N ALA C 91 -3.60 -5.50 -0.64
CA ALA C 91 -4.05 -6.81 -1.22
C ALA C 91 -3.85 -7.91 -0.19
N TYR C 92 -2.71 -7.93 0.48
CA TYR C 92 -2.45 -8.99 1.49
C TYR C 92 -3.38 -8.86 2.69
N ARG C 93 -3.64 -7.63 3.16
N ARG C 93 -3.66 -7.64 3.15
CA ARG C 93 -4.61 -7.41 4.26
CA ARG C 93 -4.61 -7.44 4.27
C ARG C 93 -5.97 -7.98 3.86
C ARG C 93 -5.99 -7.97 3.87
N GLU C 94 -6.39 -7.78 2.61
CA GLU C 94 -7.69 -8.33 2.16
C GLU C 94 -7.64 -9.86 2.07
N VAL C 95 -6.51 -10.45 1.73
CA VAL C 95 -6.39 -11.95 1.76
C VAL C 95 -6.59 -12.39 3.22
N ALA C 96 -5.94 -11.74 4.19
CA ALA C 96 -6.10 -12.15 5.60
C ALA C 96 -7.58 -12.07 6.02
N LYS C 97 -8.31 -11.05 5.58
CA LYS C 97 -9.75 -10.90 5.90
C LYS C 97 -10.55 -12.06 5.25
N GLU C 98 -10.25 -12.36 3.99
CA GLU C 98 -10.98 -13.46 3.30
C GLU C 98 -10.72 -14.80 3.97
N VAL C 99 -9.45 -15.12 4.26
CA VAL C 99 -9.11 -16.39 4.95
C VAL C 99 -9.86 -16.49 6.29
N THR C 100 -9.91 -15.42 7.05
CA THR C 100 -10.57 -15.38 8.38
C THR C 100 -12.07 -15.62 8.18
N ARG C 101 -12.67 -14.87 7.24
CA ARG C 101 -14.12 -14.98 6.95
C ARG C 101 -14.48 -16.43 6.61
N LEU C 102 -13.68 -17.10 5.80
CA LEU C 102 -13.97 -18.47 5.33
C LEU C 102 -13.85 -19.51 6.45
N GLY C 103 -13.14 -19.25 7.54
CA GLY C 103 -12.94 -20.18 8.66
C GLY C 103 -12.05 -21.37 8.31
N VAL C 104 -11.25 -21.25 7.27
CA VAL C 104 -10.33 -22.35 6.84
C VAL C 104 -9.19 -22.51 7.83
N ASN C 105 -8.62 -23.72 7.86
CA ASN C 105 -7.47 -24.00 8.77
C ASN C 105 -6.14 -23.91 8.01
N SER C 106 -6.17 -23.76 6.68
CA SER C 106 -4.97 -23.64 5.84
C SER C 106 -5.28 -22.92 4.55
N VAL C 107 -4.24 -22.33 3.99
CA VAL C 107 -4.30 -21.53 2.76
C VAL C 107 -3.01 -21.69 1.99
N ALA C 108 -3.09 -21.86 0.67
CA ALA C 108 -1.97 -21.90 -0.28
C ALA C 108 -1.86 -20.50 -0.90
N ILE C 109 -0.69 -19.86 -0.76
N ILE C 109 -0.67 -19.90 -0.90
CA ILE C 109 -0.46 -18.45 -1.22
CA ILE C 109 -0.53 -18.47 -1.28
C ILE C 109 0.78 -18.39 -2.13
C ILE C 109 0.77 -18.26 -2.03
N PRO C 110 0.73 -17.57 -3.20
CA PRO C 110 1.95 -17.20 -3.93
C PRO C 110 2.43 -15.83 -3.43
N LEU C 111 3.65 -15.44 -3.79
CA LEU C 111 4.13 -14.05 -3.50
C LEU C 111 3.59 -13.10 -4.57
N LEU C 112 2.63 -12.30 -4.17
CA LEU C 112 1.97 -11.31 -5.06
C LEU C 112 2.98 -10.32 -5.61
N SER C 113 2.80 -9.94 -6.86
CA SER C 113 3.55 -8.88 -7.56
C SER C 113 5.02 -9.29 -7.75
N THR C 114 5.36 -10.60 -7.80
CA THR C 114 6.76 -11.04 -8.01
C THR C 114 7.07 -11.66 -9.37
N GLY C 115 6.08 -11.79 -10.21
CA GLY C 115 6.28 -12.37 -11.57
C GLY C 115 6.13 -11.29 -12.62
N VAL C 116 5.10 -11.41 -13.45
CA VAL C 116 4.84 -10.44 -14.54
C VAL C 116 4.40 -9.09 -13.97
N TYR C 117 4.03 -9.00 -12.69
CA TYR C 117 3.66 -7.70 -12.06
C TYR C 117 4.87 -7.11 -11.30
N SER C 118 6.05 -7.69 -11.41
CA SER C 118 7.25 -7.20 -10.68
C SER C 118 7.85 -5.95 -11.29
N GLY C 119 7.49 -5.58 -12.52
CA GLY C 119 8.19 -4.50 -13.23
C GLY C 119 9.68 -4.77 -13.40
N GLY C 120 10.08 -6.04 -13.46
CA GLY C 120 11.47 -6.49 -13.68
C GLY C 120 12.36 -6.36 -12.45
N LYS C 121 11.82 -6.16 -11.25
CA LYS C 121 12.64 -6.04 -10.02
C LYS C 121 12.46 -7.29 -9.17
N ASP C 122 13.45 -7.65 -8.37
CA ASP C 122 13.37 -8.76 -7.41
C ASP C 122 12.57 -8.29 -6.18
N ARG C 123 11.34 -8.78 -6.01
CA ARG C 123 10.44 -8.33 -4.91
C ARG C 123 10.17 -9.44 -3.88
N LEU C 124 11.08 -10.43 -3.72
CA LEU C 124 10.87 -11.50 -2.74
C LEU C 124 10.67 -10.91 -1.34
N THR C 125 11.67 -10.15 -0.85
CA THR C 125 11.64 -9.64 0.52
C THR C 125 10.43 -8.73 0.70
N GLN C 126 10.20 -7.81 -0.25
CA GLN C 126 9.07 -6.84 -0.15
C GLN C 126 7.75 -7.62 -0.03
N SER C 127 7.52 -8.55 -0.94
CA SER C 127 6.24 -9.28 -1.01
C SER C 127 6.08 -10.16 0.25
N LEU C 128 7.14 -10.86 0.64
CA LEU C 128 7.07 -11.74 1.82
C LEU C 128 6.86 -10.91 3.08
N ASN C 129 7.51 -9.74 3.21
CA ASN C 129 7.30 -8.87 4.40
C ASN C 129 5.81 -8.47 4.49
N HIS C 130 5.18 -8.07 3.38
CA HIS C 130 3.75 -7.69 3.42
C HIS C 130 2.89 -8.92 3.73
N LEU C 131 3.26 -10.10 3.25
CA LEU C 131 2.49 -11.36 3.52
C LEU C 131 2.51 -11.60 5.02
N PHE C 132 3.69 -11.53 5.63
CA PHE C 132 3.78 -11.73 7.10
C PHE C 132 2.99 -10.69 7.86
N THR C 133 3.09 -9.40 7.48
CA THR C 133 2.41 -8.30 8.20
C THR C 133 0.90 -8.58 8.23
N ALA C 134 0.34 -9.08 7.12
CA ALA C 134 -1.11 -9.39 7.08
C ALA C 134 -1.45 -10.73 7.76
N MET C 135 -0.65 -11.77 7.54
CA MET C 135 -1.05 -13.15 7.95
C MET C 135 -0.62 -13.49 9.38
N ASP C 136 0.30 -12.75 9.98
CA ASP C 136 0.81 -13.14 11.32
C ASP C 136 -0.34 -13.20 12.30
N SER C 137 -1.38 -12.35 12.18
CA SER C 137 -2.49 -12.33 13.16
C SER C 137 -3.57 -13.36 12.82
N THR C 138 -3.44 -14.13 11.75
CA THR C 138 -4.34 -15.26 11.43
C THR C 138 -3.87 -16.55 12.04
N ASP C 139 -4.79 -17.49 12.26
CA ASP C 139 -4.48 -18.82 12.85
C ASP C 139 -4.47 -19.93 11.79
N ALA C 140 -4.52 -19.60 10.51
CA ALA C 140 -4.45 -20.64 9.48
C ALA C 140 -3.01 -21.08 9.27
N ASP C 141 -2.80 -22.36 8.96
CA ASP C 141 -1.52 -22.82 8.38
C ASP C 141 -1.34 -22.12 7.03
N VAL C 142 -0.26 -21.40 6.83
CA VAL C 142 0.03 -20.74 5.54
C VAL C 142 1.09 -21.53 4.82
N VAL C 143 0.85 -21.93 3.59
CA VAL C 143 1.83 -22.62 2.74
C VAL C 143 2.11 -21.73 1.54
N ILE C 144 3.34 -21.25 1.42
CA ILE C 144 3.78 -20.36 0.31
C ILE C 144 4.30 -21.23 -0.82
N TYR C 145 3.85 -20.97 -2.04
CA TYR C 145 4.24 -21.75 -3.23
C TYR C 145 5.16 -20.92 -4.11
N CYS C 146 6.25 -21.51 -4.54
CA CYS C 146 7.21 -20.86 -5.46
C CYS C 146 7.69 -21.86 -6.52
N ARG C 147 8.46 -21.38 -7.49
CA ARG C 147 9.01 -22.20 -8.60
C ARG C 147 10.54 -22.27 -8.50
N ASP C 148 11.19 -21.16 -8.14
CA ASP C 148 12.67 -21.05 -8.21
C ASP C 148 13.31 -21.69 -6.97
N LYS C 149 14.35 -22.50 -7.16
CA LYS C 149 15.09 -23.10 -6.00
C LYS C 149 15.78 -22.05 -5.14
N GLU C 150 16.32 -20.97 -5.72
CA GLU C 150 16.98 -19.90 -4.92
C GLU C 150 15.91 -19.16 -4.07
N TRP C 151 14.75 -18.90 -4.66
CA TRP C 151 13.60 -18.30 -3.92
C TRP C 151 13.14 -19.24 -2.79
N GLU C 152 13.03 -20.53 -3.02
CA GLU C 152 12.61 -21.47 -1.97
C GLU C 152 13.53 -21.36 -0.75
N LYS C 153 14.84 -21.35 -1.01
CA LYS C 153 15.91 -21.23 0.02
C LYS C 153 15.73 -19.92 0.81
N LYS C 154 15.61 -18.78 0.11
CA LYS C 154 15.48 -17.44 0.75
C LYS C 154 14.19 -17.38 1.58
N ILE C 155 13.08 -17.91 1.04
CA ILE C 155 11.80 -17.88 1.80
C ILE C 155 11.88 -18.77 3.03
N SER C 156 12.46 -19.96 2.86
CA SER C 156 12.66 -20.90 3.98
C SER C 156 13.49 -20.24 5.11
N GLU C 157 14.59 -19.56 4.78
CA GLU C 157 15.46 -18.94 5.81
C GLU C 157 14.71 -17.78 6.49
N ALA C 158 13.91 -17.00 5.74
CA ALA C 158 13.11 -15.91 6.34
C ALA C 158 12.10 -16.46 7.37
N ILE C 159 11.48 -17.59 7.08
CA ILE C 159 10.49 -18.23 7.99
C ILE C 159 11.25 -18.71 9.25
N GLN C 160 12.38 -19.37 9.03
CA GLN C 160 13.17 -20.01 10.10
C GLN C 160 13.72 -18.95 11.08
N MET C 161 14.13 -17.78 10.57
CA MET C 161 14.76 -16.71 11.39
C MET C 161 13.81 -16.26 12.51
N ARG C 162 12.49 -16.44 12.35
CA ARG C 162 11.47 -15.92 13.30
C ARG C 162 11.09 -16.98 14.35
N THR C 163 11.52 -18.23 14.17
CA THR C 163 11.23 -19.38 15.06
C THR C 163 12.48 -19.71 15.89
N PRO D 5 -14.31 -11.89 42.85
CA PRO D 5 -12.91 -11.86 42.38
C PRO D 5 -12.41 -10.42 42.19
N SER D 6 -12.09 -9.76 43.31
N SER D 6 -11.99 -9.80 43.29
CA SER D 6 -11.66 -8.33 43.44
CA SER D 6 -11.70 -8.34 43.42
C SER D 6 -11.00 -7.82 42.16
C SER D 6 -10.99 -7.82 42.16
N TYR D 7 -11.30 -6.58 41.75
CA TYR D 7 -10.70 -5.96 40.54
C TYR D 7 -10.00 -4.68 40.93
N ARG D 8 -8.78 -4.50 40.42
CA ARG D 8 -8.01 -3.25 40.47
C ARG D 8 -7.46 -2.96 39.08
N VAL D 9 -7.06 -1.72 38.85
CA VAL D 9 -6.36 -1.28 37.63
C VAL D 9 -5.07 -0.59 38.05
N LYS D 10 -4.00 -0.84 37.30
CA LYS D 10 -2.70 -0.14 37.41
C LYS D 10 -2.29 0.37 36.03
N ARG D 11 -1.80 1.61 35.98
CA ARG D 11 -1.17 2.21 34.78
C ARG D 11 0.32 1.94 34.86
N MET D 12 0.77 0.82 34.30
CA MET D 12 2.19 0.44 34.30
C MET D 12 2.35 -0.77 33.36
N ASP D 13 3.61 -1.06 33.08
CA ASP D 13 4.05 -2.16 32.20
C ASP D 13 3.67 -3.48 32.89
N ILE D 14 2.85 -4.27 32.24
CA ILE D 14 2.40 -5.59 32.78
C ILE D 14 3.61 -6.51 32.98
N ALA D 15 4.70 -6.24 32.30
CA ALA D 15 5.94 -7.05 32.47
C ALA D 15 6.51 -6.83 33.88
N LYS D 16 6.04 -5.84 34.63
CA LYS D 16 6.49 -5.55 36.02
C LYS D 16 5.35 -5.76 37.01
N ASN D 17 4.40 -6.66 36.72
CA ASN D 17 3.23 -6.90 37.58
C ASN D 17 3.64 -7.50 38.94
N ASP D 18 2.75 -7.39 39.92
CA ASP D 18 2.94 -7.89 41.31
C ASP D 18 1.98 -9.03 41.57
N GLU D 19 1.61 -9.81 40.56
CA GLU D 19 0.63 -10.89 40.72
C GLU D 19 1.29 -12.26 40.52
N GLU D 20 0.56 -13.34 40.81
CA GLU D 20 1.13 -14.73 40.75
C GLU D 20 1.23 -15.29 39.34
N CYS D 21 0.63 -14.62 38.35
CA CYS D 21 0.71 -15.10 36.95
C CYS D 21 0.30 -13.96 36.03
N VAL D 22 0.63 -14.09 34.75
CA VAL D 22 0.38 -12.99 33.78
C VAL D 22 -0.38 -13.56 32.60
N VAL D 23 -1.27 -12.73 32.05
CA VAL D 23 -1.90 -13.02 30.74
C VAL D 23 -1.19 -12.21 29.65
N ASN D 24 -0.70 -12.91 28.63
CA ASN D 24 -0.11 -12.28 27.45
C ASN D 24 -1.23 -12.01 26.42
N ALA D 25 -1.24 -10.80 25.86
CA ALA D 25 -2.06 -10.52 24.64
C ALA D 25 -1.27 -11.01 23.43
N ALA D 26 -1.38 -12.31 23.19
CA ALA D 26 -0.54 -13.07 22.28
C ALA D 26 -1.07 -13.03 20.83
N ASN D 27 -0.20 -13.38 19.92
CA ASN D 27 -0.59 -13.66 18.51
C ASN D 27 -0.70 -15.17 18.39
N PRO D 28 -1.38 -15.66 17.35
CA PRO D 28 -1.62 -17.09 17.23
C PRO D 28 -0.36 -17.91 16.96
N ARG D 29 0.71 -17.26 16.52
CA ARG D 29 1.92 -17.98 16.02
C ARG D 29 3.01 -18.08 17.08
N GLY D 30 2.79 -17.50 18.25
CA GLY D 30 3.81 -17.49 19.32
C GLY D 30 4.97 -16.63 18.91
N LEU D 31 4.78 -15.61 18.06
CA LEU D 31 5.85 -14.66 17.70
C LEU D 31 6.02 -13.57 18.77
N PRO D 32 7.22 -12.96 18.86
CA PRO D 32 7.46 -11.89 19.81
C PRO D 32 6.46 -10.72 19.68
N GLY D 33 6.07 -10.39 18.43
CA GLY D 33 5.10 -9.30 18.19
C GLY D 33 5.56 -7.91 18.62
N ASP D 34 4.61 -7.12 19.09
CA ASP D 34 4.78 -5.69 19.49
C ASP D 34 3.87 -5.42 20.69
N GLY D 35 4.01 -4.25 21.34
CA GLY D 35 3.16 -3.89 22.49
C GLY D 35 3.38 -4.81 23.69
N VAL D 36 2.28 -5.15 24.36
CA VAL D 36 2.29 -6.07 25.55
C VAL D 36 3.07 -7.33 25.17
N CYS D 37 2.78 -7.90 24.00
CA CYS D 37 3.38 -9.18 23.58
C CYS D 37 4.90 -9.03 23.59
N LYS D 38 5.43 -7.91 23.08
CA LYS D 38 6.92 -7.75 22.99
C LYS D 38 7.52 -7.59 24.41
N ALA D 39 6.82 -6.90 25.29
CA ALA D 39 7.27 -6.70 26.69
C ALA D 39 7.31 -8.05 27.41
N VAL D 40 6.31 -8.88 27.14
CA VAL D 40 6.18 -10.23 27.74
C VAL D 40 7.33 -11.08 27.20
N TYR D 41 7.62 -11.01 25.89
CA TYR D 41 8.71 -11.78 25.28
C TYR D 41 10.08 -11.43 25.91
N LYS D 42 10.33 -10.13 26.14
CA LYS D 42 11.61 -9.66 26.72
C LYS D 42 11.71 -10.13 28.18
N LYS D 43 10.60 -10.19 28.91
CA LYS D 43 10.60 -10.55 30.36
C LYS D 43 10.64 -12.07 30.57
N TRP D 44 9.86 -12.83 29.82
CA TRP D 44 9.65 -14.28 30.01
C TRP D 44 9.84 -14.98 28.67
N PRO D 45 11.00 -14.85 27.98
CA PRO D 45 11.12 -15.43 26.64
C PRO D 45 10.95 -16.95 26.64
N GLU D 46 11.32 -17.65 27.74
CA GLU D 46 11.20 -19.13 27.81
C GLU D 46 9.74 -19.56 27.71
N SER D 47 8.79 -18.68 28.05
CA SER D 47 7.35 -19.00 27.98
C SER D 47 6.83 -19.06 26.52
N PHE D 48 7.67 -18.74 25.53
CA PHE D 48 7.25 -18.77 24.11
C PHE D 48 7.55 -20.14 23.44
N LYS D 49 8.05 -21.10 24.21
CA LYS D 49 8.28 -22.48 23.69
C LYS D 49 6.92 -23.14 23.42
N ASN D 50 6.60 -23.38 22.16
CA ASN D 50 5.32 -24.00 21.77
C ASN D 50 4.14 -23.24 22.38
N SER D 51 4.17 -21.90 22.30
CA SER D 51 3.05 -21.07 22.78
C SER D 51 2.03 -20.81 21.68
N ALA D 52 2.29 -21.16 20.42
CA ALA D 52 1.31 -20.95 19.33
C ALA D 52 -0.01 -21.65 19.70
N THR D 53 -1.14 -20.99 19.42
CA THR D 53 -2.49 -21.49 19.76
C THR D 53 -3.49 -20.70 18.94
N PRO D 54 -4.65 -21.29 18.64
CA PRO D 54 -5.60 -20.59 17.77
C PRO D 54 -6.24 -19.36 18.42
N VAL D 55 -6.81 -18.52 17.56
CA VAL D 55 -7.66 -17.39 18.05
C VAL D 55 -8.79 -17.92 18.94
N GLY D 56 -9.07 -17.23 20.04
CA GLY D 56 -10.14 -17.60 20.98
C GLY D 56 -9.70 -18.60 22.02
N THR D 57 -8.41 -18.92 22.09
CA THR D 57 -7.88 -19.91 23.05
C THR D 57 -6.80 -19.30 23.91
N ALA D 58 -6.49 -20.03 25.00
CA ALA D 58 -5.39 -19.62 25.90
C ALA D 58 -4.51 -20.84 26.15
N LYS D 59 -3.21 -20.64 26.14
CA LYS D 59 -2.25 -21.74 26.36
C LYS D 59 -1.23 -21.24 27.38
N THR D 60 -1.09 -21.97 28.49
CA THR D 60 -0.19 -21.59 29.60
C THR D 60 1.16 -22.28 29.40
N VAL D 61 2.21 -21.50 29.46
CA VAL D 61 3.61 -21.98 29.42
C VAL D 61 4.32 -21.37 30.60
N MET D 62 5.04 -22.20 31.37
N MET D 62 5.03 -22.20 31.38
CA MET D 62 5.82 -21.76 32.55
CA MET D 62 5.76 -21.75 32.59
C MET D 62 7.11 -21.06 32.10
C MET D 62 7.11 -21.12 32.18
N CYS D 63 7.49 -20.02 32.82
CA CYS D 63 8.83 -19.44 32.76
C CYS D 63 9.40 -19.68 34.16
N GLY D 64 10.25 -20.70 34.32
CA GLY D 64 10.55 -21.17 35.69
C GLY D 64 9.32 -21.77 36.31
N THR D 65 8.82 -21.17 37.41
CA THR D 65 7.56 -21.60 38.03
C THR D 65 6.48 -20.52 37.80
N TYR D 66 6.78 -19.48 37.03
CA TYR D 66 5.88 -18.32 36.83
C TYR D 66 5.00 -18.63 35.61
N PRO D 67 3.66 -18.74 35.76
CA PRO D 67 2.78 -19.07 34.64
C PRO D 67 2.48 -17.87 33.71
N VAL D 68 2.70 -18.10 32.40
CA VAL D 68 2.35 -17.09 31.36
C VAL D 68 1.21 -17.69 30.55
N ILE D 69 0.02 -17.05 30.63
CA ILE D 69 -1.22 -17.56 29.99
C ILE D 69 -1.33 -16.80 28.66
N HIS D 70 -0.96 -17.42 27.55
CA HIS D 70 -0.96 -16.75 26.24
C HIS D 70 -2.39 -16.78 25.73
N ALA D 71 -3.06 -15.63 25.65
CA ALA D 71 -4.49 -15.55 25.28
C ALA D 71 -4.56 -14.83 23.94
N VAL D 72 -5.18 -15.49 22.98
CA VAL D 72 -5.21 -14.96 21.59
C VAL D 72 -6.59 -14.33 21.34
N GLY D 73 -6.65 -13.02 21.47
CA GLY D 73 -7.87 -12.31 21.04
C GLY D 73 -7.88 -12.16 19.53
N PRO D 74 -9.05 -11.90 18.94
CA PRO D 74 -9.15 -11.66 17.52
C PRO D 74 -8.57 -10.31 17.11
N ASN D 75 -8.01 -10.30 15.90
CA ASN D 75 -7.65 -9.06 15.18
C ASN D 75 -8.90 -8.55 14.42
N PHE D 76 -9.51 -7.48 14.91
CA PHE D 76 -10.71 -6.91 14.24
C PHE D 76 -10.40 -6.29 12.87
N SER D 77 -9.16 -6.15 12.44
CA SER D 77 -8.86 -5.92 10.99
C SER D 77 -9.31 -7.10 10.15
N ASN D 78 -9.30 -8.33 10.70
CA ASN D 78 -9.55 -9.55 9.91
C ASN D 78 -10.97 -10.06 10.15
N TYR D 79 -11.46 -10.00 11.41
CA TYR D 79 -12.77 -10.56 11.81
C TYR D 79 -13.86 -9.52 11.58
N THR D 80 -15.08 -9.98 11.28
CA THR D 80 -16.28 -9.11 11.39
C THR D 80 -16.53 -8.74 12.85
N GLU D 81 -17.27 -7.65 13.09
CA GLU D 81 -17.69 -7.35 14.47
C GLU D 81 -18.36 -8.57 15.10
N SER D 82 -19.29 -9.27 14.42
CA SER D 82 -20.06 -10.39 14.97
C SER D 82 -19.10 -11.55 15.34
N GLU D 83 -18.27 -11.99 14.39
CA GLU D 83 -17.41 -13.18 14.63
C GLU D 83 -16.32 -12.84 15.66
N GLY D 84 -15.78 -11.62 15.60
CA GLY D 84 -14.73 -11.16 16.53
C GLY D 84 -15.26 -11.08 17.93
N ASP D 85 -16.50 -10.59 18.13
CA ASP D 85 -17.03 -10.51 19.51
C ASP D 85 -17.08 -11.89 20.15
N ARG D 86 -17.51 -12.93 19.42
CA ARG D 86 -17.58 -14.30 19.94
C ARG D 86 -16.15 -14.75 20.31
N GLU D 87 -15.17 -14.52 19.45
CA GLU D 87 -13.78 -15.00 19.70
C GLU D 87 -13.19 -14.24 20.89
N LEU D 88 -13.53 -12.99 21.09
CA LEU D 88 -12.99 -12.21 22.23
C LEU D 88 -13.58 -12.78 23.52
N ALA D 89 -14.88 -13.05 23.55
CA ALA D 89 -15.52 -13.72 24.71
C ALA D 89 -14.82 -15.04 25.00
N ALA D 90 -14.54 -15.83 23.95
CA ALA D 90 -13.93 -17.18 24.05
C ALA D 90 -12.52 -17.05 24.67
N ALA D 91 -11.73 -16.09 24.23
CA ALA D 91 -10.35 -15.98 24.74
C ALA D 91 -10.40 -15.72 26.25
N TYR D 92 -11.24 -14.82 26.71
CA TYR D 92 -11.34 -14.52 28.17
C TYR D 92 -11.91 -15.71 28.96
N ARG D 93 -12.89 -16.43 28.40
CA ARG D 93 -13.43 -17.67 29.00
C ARG D 93 -12.29 -18.66 29.23
N GLU D 94 -11.42 -18.86 28.24
CA GLU D 94 -10.27 -19.78 28.35
C GLU D 94 -9.26 -19.28 29.38
N VAL D 95 -9.01 -17.98 29.47
CA VAL D 95 -8.15 -17.37 30.53
C VAL D 95 -8.72 -17.78 31.89
N ALA D 96 -10.00 -17.52 32.12
CA ALA D 96 -10.66 -17.83 33.42
C ALA D 96 -10.45 -19.31 33.77
N LYS D 97 -10.64 -20.21 32.81
CA LYS D 97 -10.49 -21.67 33.04
C LYS D 97 -9.04 -21.94 33.50
N GLU D 98 -8.04 -21.32 32.85
CA GLU D 98 -6.62 -21.53 33.23
C GLU D 98 -6.35 -20.96 34.64
N VAL D 99 -6.84 -19.77 34.95
CA VAL D 99 -6.67 -19.15 36.29
C VAL D 99 -7.19 -20.13 37.34
N THR D 100 -8.37 -20.71 37.14
CA THR D 100 -9.02 -21.62 38.13
C THR D 100 -8.14 -22.87 38.25
N ARG D 101 -7.78 -23.46 37.12
CA ARG D 101 -6.96 -24.71 37.06
C ARG D 101 -5.63 -24.51 37.78
N LEU D 102 -4.97 -23.38 37.61
CA LEU D 102 -3.63 -23.13 38.19
C LEU D 102 -3.77 -22.94 39.72
N GLY D 103 -4.93 -22.53 40.23
CA GLY D 103 -5.18 -22.27 41.66
C GLY D 103 -4.44 -21.05 42.19
N VAL D 104 -4.06 -20.12 41.33
CA VAL D 104 -3.42 -18.85 41.75
C VAL D 104 -4.37 -17.99 42.59
N ASN D 105 -3.79 -17.13 43.41
CA ASN D 105 -4.52 -16.11 44.19
C ASN D 105 -4.74 -14.83 43.39
N SER D 106 -3.94 -14.58 42.35
CA SER D 106 -3.93 -13.27 41.67
C SER D 106 -3.44 -13.46 40.24
N VAL D 107 -3.92 -12.58 39.36
CA VAL D 107 -3.57 -12.61 37.91
C VAL D 107 -3.49 -11.17 37.41
N ALA D 108 -2.46 -10.86 36.62
CA ALA D 108 -2.24 -9.61 35.85
C ALA D 108 -2.81 -9.84 34.44
N ILE D 109 -3.71 -8.95 34.00
N ILE D 109 -3.75 -8.97 34.04
CA ILE D 109 -4.43 -9.16 32.70
CA ILE D 109 -4.46 -9.08 32.72
C ILE D 109 -4.53 -7.83 31.96
C ILE D 109 -4.41 -7.75 31.97
N PRO D 110 -4.16 -7.80 30.65
CA PRO D 110 -4.34 -6.63 29.79
C PRO D 110 -5.70 -6.71 29.09
N LEU D 111 -6.15 -5.60 28.50
CA LEU D 111 -7.43 -5.62 27.74
C LEU D 111 -7.17 -6.16 26.34
N LEU D 112 -7.56 -7.41 26.11
CA LEU D 112 -7.37 -8.08 24.80
C LEU D 112 -8.03 -7.28 23.66
N SER D 113 -7.39 -7.28 22.53
CA SER D 113 -7.94 -6.76 21.23
C SER D 113 -8.12 -5.23 21.29
N THR D 114 -7.43 -4.50 22.18
CA THR D 114 -7.62 -3.03 22.33
C THR D 114 -6.50 -2.19 21.72
N GLY D 115 -5.40 -2.79 21.29
CA GLY D 115 -4.29 -2.12 20.63
C GLY D 115 -4.25 -2.39 19.14
N VAL D 116 -3.18 -2.96 18.62
CA VAL D 116 -3.07 -3.18 17.14
C VAL D 116 -4.07 -4.23 16.65
N TYR D 117 -4.81 -4.95 17.52
CA TYR D 117 -5.90 -5.85 17.08
C TYR D 117 -7.28 -5.17 17.12
N SER D 118 -7.32 -3.85 17.37
CA SER D 118 -8.61 -3.14 17.57
C SER D 118 -9.31 -2.78 16.26
N GLY D 119 -8.63 -2.89 15.13
CA GLY D 119 -9.21 -2.51 13.84
C GLY D 119 -9.47 -1.01 13.80
N GLY D 120 -8.71 -0.24 14.59
CA GLY D 120 -8.78 1.24 14.66
C GLY D 120 -9.96 1.77 15.47
N LYS D 121 -10.64 0.93 16.25
CA LYS D 121 -11.83 1.25 17.05
C LYS D 121 -11.46 1.26 18.54
N ASP D 122 -12.11 2.13 19.30
CA ASP D 122 -12.01 2.15 20.79
C ASP D 122 -12.82 0.96 21.29
N ARG D 123 -12.14 -0.07 21.85
CA ARG D 123 -12.78 -1.28 22.42
C ARG D 123 -12.57 -1.44 23.93
N LEU D 124 -12.29 -0.34 24.64
CA LEU D 124 -12.20 -0.40 26.13
C LEU D 124 -13.42 -1.07 26.72
N THR D 125 -14.65 -0.53 26.49
CA THR D 125 -15.87 -1.06 27.12
C THR D 125 -16.12 -2.53 26.71
N GLN D 126 -15.99 -2.83 25.42
CA GLN D 126 -16.25 -4.17 24.87
C GLN D 126 -15.30 -5.18 25.56
N SER D 127 -14.02 -4.88 25.54
CA SER D 127 -12.99 -5.82 26.08
C SER D 127 -13.16 -5.98 27.60
N LEU D 128 -13.36 -4.87 28.31
CA LEU D 128 -13.59 -4.93 29.78
C LEU D 128 -14.86 -5.71 30.11
N ASN D 129 -15.94 -5.60 29.32
CA ASN D 129 -17.19 -6.31 29.63
C ASN D 129 -16.99 -7.82 29.51
N HIS D 130 -16.24 -8.28 28.49
CA HIS D 130 -15.93 -9.72 28.36
C HIS D 130 -14.99 -10.18 29.51
N LEU D 131 -14.05 -9.32 29.90
CA LEU D 131 -13.11 -9.64 31.02
C LEU D 131 -13.93 -9.89 32.27
N PHE D 132 -14.82 -8.95 32.64
CA PHE D 132 -15.63 -9.12 33.89
C PHE D 132 -16.49 -10.37 33.78
N THR D 133 -17.15 -10.61 32.63
CA THR D 133 -18.05 -11.80 32.49
C THR D 133 -17.29 -13.09 32.77
N ALA D 134 -16.09 -13.23 32.23
CA ALA D 134 -15.29 -14.46 32.38
C ALA D 134 -14.70 -14.52 33.80
N MET D 135 -14.11 -13.44 34.27
CA MET D 135 -13.26 -13.47 35.50
C MET D 135 -14.20 -13.50 36.71
N ASP D 136 -15.46 -13.10 36.57
CA ASP D 136 -16.41 -13.17 37.72
C ASP D 136 -16.57 -14.64 38.16
N SER D 137 -16.28 -15.61 37.30
CA SER D 137 -16.44 -17.05 37.61
C SER D 137 -15.26 -17.58 38.43
N THR D 138 -14.19 -16.80 38.61
CA THR D 138 -13.00 -17.20 39.41
C THR D 138 -13.08 -16.56 40.81
N ASP D 139 -12.14 -16.89 41.70
CA ASP D 139 -12.07 -16.21 43.03
C ASP D 139 -10.71 -15.50 43.19
N ALA D 140 -10.04 -15.18 42.08
CA ALA D 140 -8.71 -14.54 42.10
C ALA D 140 -8.85 -13.02 42.20
N ASP D 141 -7.87 -12.38 42.84
CA ASP D 141 -7.63 -10.94 42.69
C ASP D 141 -7.18 -10.72 41.26
N VAL D 142 -7.89 -9.85 40.56
CA VAL D 142 -7.59 -9.54 39.15
C VAL D 142 -7.07 -8.12 39.10
N VAL D 143 -5.91 -7.94 38.52
CA VAL D 143 -5.29 -6.62 38.33
C VAL D 143 -5.17 -6.36 36.81
N ILE D 144 -5.92 -5.36 36.34
CA ILE D 144 -5.93 -4.94 34.93
C ILE D 144 -4.83 -3.93 34.72
N TYR D 145 -4.03 -4.10 33.67
CA TYR D 145 -2.90 -3.23 33.31
C TYR D 145 -3.23 -2.42 32.04
N CYS D 146 -2.96 -1.11 32.06
CA CYS D 146 -3.13 -0.18 30.90
C CYS D 146 -1.97 0.81 30.88
N ARG D 147 -1.85 1.65 29.86
CA ARG D 147 -0.79 2.68 29.75
C ARG D 147 -1.40 4.09 29.72
N ASP D 148 -2.62 4.28 29.22
CA ASP D 148 -3.24 5.62 29.05
C ASP D 148 -3.97 6.05 30.34
N LYS D 149 -3.82 7.33 30.74
CA LYS D 149 -4.43 7.88 31.98
C LYS D 149 -5.95 7.92 31.85
N GLU D 150 -6.49 8.36 30.71
CA GLU D 150 -7.96 8.38 30.52
C GLU D 150 -8.47 6.93 30.51
N TRP D 151 -7.72 5.99 29.92
CA TRP D 151 -8.15 4.56 30.01
C TRP D 151 -8.09 4.12 31.46
N GLU D 152 -7.06 4.50 32.20
CA GLU D 152 -6.96 4.16 33.65
C GLU D 152 -8.20 4.66 34.38
N LYS D 153 -8.62 5.91 34.14
CA LYS D 153 -9.80 6.51 34.82
C LYS D 153 -11.07 5.66 34.58
N LYS D 154 -11.33 5.30 33.32
CA LYS D 154 -12.59 4.67 32.86
C LYS D 154 -12.75 3.26 33.46
N ILE D 155 -11.67 2.48 33.57
CA ILE D 155 -11.75 1.08 34.08
C ILE D 155 -12.08 1.10 35.59
N SER D 156 -11.43 1.99 36.33
CA SER D 156 -11.69 2.20 37.78
C SER D 156 -13.18 2.46 38.00
N GLU D 157 -13.76 3.36 37.20
CA GLU D 157 -15.19 3.74 37.26
C GLU D 157 -16.06 2.50 36.99
N ALA D 158 -15.71 1.67 36.01
CA ALA D 158 -16.46 0.42 35.70
C ALA D 158 -16.42 -0.55 36.89
N ILE D 159 -15.25 -0.70 37.53
CA ILE D 159 -15.11 -1.57 38.74
C ILE D 159 -15.93 -0.93 39.87
N GLN D 160 -15.80 0.39 40.06
CA GLN D 160 -16.55 1.19 41.06
C GLN D 160 -18.05 1.04 40.79
N MET D 161 -18.48 1.45 39.59
CA MET D 161 -19.92 1.58 39.19
C MET D 161 -20.65 0.23 39.29
N ARG D 162 -19.91 -0.89 39.41
CA ARG D 162 -20.49 -2.27 39.50
C ARG D 162 -20.46 -2.77 40.96
N THR D 163 -19.96 -1.97 41.90
CA THR D 163 -20.12 -2.26 43.36
C THR D 163 -21.48 -1.67 43.79
S DMS E . -2.95 8.65 0.61
O DMS E . -1.95 7.94 1.54
C1 DMS E . -2.10 9.78 -0.36
C2 DMS E . -3.90 9.81 1.59
S DMS F . 9.55 23.68 6.42
O DMS F . 8.37 22.95 5.84
C1 DMS F . 10.60 22.44 7.12
C2 DMS F . 8.96 24.40 7.92
S DMS G . 10.50 29.51 -4.16
O DMS G . 11.55 28.49 -3.81
C1 DMS G . 10.38 29.54 -5.93
C2 DMS G . 11.27 31.10 -3.95
C TRS H . 24.42 19.09 14.48
C1 TRS H . 24.86 18.58 13.11
C2 TRS H . 23.52 18.07 15.17
C3 TRS H . 25.63 19.39 15.37
N TRS H . 23.62 20.35 14.30
O1 TRS H . 25.64 19.52 12.38
O2 TRS H . 24.21 16.89 15.54
O3 TRS H . 25.29 20.22 16.48
S DMS I . 15.42 2.16 9.05
O DMS I . 15.76 2.40 7.60
C1 DMS I . 13.98 3.12 9.36
C2 DMS I . 16.54 3.14 10.03
S DMS J . 11.33 24.04 0.13
O DMS J . 11.85 22.67 0.66
C1 DMS J . 9.58 23.89 0.25
C2 DMS J . 11.42 23.88 -1.64
CL CL K . 12.25 25.21 3.40
CL CL L . 10.53 25.79 -6.24
CL CL M . 1.66 18.09 -9.22
S DMS N . 3.22 21.55 -12.30
O DMS N . 3.40 21.82 -10.82
C1 DMS N . 2.71 19.84 -12.41
C2 DMS N . 1.65 22.26 -12.75
S DMS O . 1.52 -0.09 4.70
O DMS O . 2.09 0.21 3.31
C1 DMS O . -0.11 0.59 4.75
C2 DMS O . 2.26 1.07 5.82
S DMS P . -14.85 11.42 -18.83
O DMS P . -14.01 11.19 -20.13
C1 DMS P . -13.86 10.81 -17.54
C2 DMS P . -16.09 10.16 -18.82
S DMS Q . -12.62 17.81 -18.88
O DMS Q . -11.26 17.92 -18.24
C1 DMS Q . -13.27 16.22 -18.39
C2 DMS Q . -12.32 17.43 -20.59
S DMS R . -21.41 8.65 -17.56
O DMS R . -20.44 8.71 -18.70
C1 DMS R . -21.89 6.95 -17.40
C2 DMS R . -22.96 9.27 -18.18
CL CL S . -18.49 5.60 -17.94
CL CL T . -15.79 14.56 -20.93
S DMS U . 3.64 -15.10 -9.44
O DMS U . 2.82 -16.11 -10.18
C1 DMS U . 2.50 -14.12 -8.50
C2 DMS U . 4.37 -15.97 -8.08
CL CL V . 9.46 -18.26 -7.64
CL CL W . -8.66 -1.42 -10.47
CL CL X . 2.75 -11.44 -10.59
S DMS Y . -8.77 -30.06 -14.52
O DMS Y . -9.84 -29.03 -14.03
C1 DMS Y . -7.34 -29.87 -13.58
C2 DMS Y . -8.17 -29.45 -16.10
S DMS Z . -1.44 -11.58 -13.73
O DMS Z . -2.46 -11.85 -12.66
C1 DMS Z . -2.30 -11.75 -15.27
C2 DMS Z . -0.44 -13.03 -13.84
C4 WJD AA . 4.11 -21.59 -7.57
C5 WJD AA . 3.48 -20.38 -7.30
C6 WJD AA . 3.21 -19.49 -8.30
C7 WJD AA . 3.57 -19.79 -9.61
C8 WJD AA . 4.19 -21.00 -9.90
N WJD AA . 5.14 -23.12 -9.15
C WJD AA . 7.83 -26.12 -9.30
O WJD AA . 6.93 -25.01 -9.30
C1 WJD AA . 5.96 -25.08 -10.33
C2 WJD AA . 5.00 -23.92 -10.23
C3 WJD AA . 4.47 -21.90 -8.88
O1 WJD AA . 4.13 -23.75 -11.10
S DMS BA . 11.08 -15.31 -9.83
O DMS BA . 10.39 -14.11 -10.39
C1 DMS BA . 12.62 -15.42 -10.70
C2 DMS BA . 10.27 -16.70 -10.55
S DMS CA . -3.42 -4.19 23.99
O DMS CA . -2.06 -3.76 23.54
C1 DMS CA . -3.59 -3.55 25.63
C2 DMS CA . -3.22 -5.89 24.43
C TRS DA . -11.93 -21.55 17.79
C1 TRS DA . -12.37 -22.50 16.69
C2 TRS DA . -13.14 -21.15 18.62
C3 TRS DA . -10.85 -22.18 18.68
N TRS DA . -11.35 -20.32 17.14
O1 TRS DA . -13.05 -21.80 15.65
O2 TRS DA . -12.80 -20.29 19.69
O3 TRS DA . -10.18 -23.26 18.05
S DMS EA . 14.87 -9.52 31.94
O DMS EA . 13.60 -8.69 32.11
C1 DMS EA . 15.51 -9.14 30.31
C2 DMS EA . 14.41 -11.23 31.67
S DMS FA . -0.16 -8.30 18.98
O DMS FA . 1.09 -9.19 19.06
C1 DMS FA . 0.13 -6.87 19.99
C2 DMS FA . -1.47 -9.01 19.97
S DMS GA . 0.98 -26.00 32.40
O DMS GA . 0.35 -25.10 33.43
C1 DMS GA . 2.25 -25.05 31.62
C2 DMS GA . -0.15 -26.07 31.03
CL CL HA . -4.13 1.57 27.49
CL CL IA . -4.17 -5.87 20.89
C4 WJD JA . 1.30 -21.51 39.92
C5 WJD JA . 1.74 -20.40 40.62
C6 WJD JA . 1.24 -20.12 41.88
C7 WJD JA . 0.31 -20.95 42.44
C8 WJD JA . -0.15 -22.08 41.76
N WJD JA . -0.07 -23.52 39.80
C WJD JA . -1.86 -27.02 38.76
O WJD JA . -1.14 -25.91 39.29
C1 WJD JA . 0.00 -25.60 38.52
C2 WJD JA . 0.69 -24.37 39.07
C3 WJD JA . 0.36 -22.37 40.49
O1 WJD JA . 1.87 -24.17 38.80
#